data_9KO3
#
_entry.id   9KO3
#
_cell.length_a   69.942
_cell.length_b   76.378
_cell.length_c   87.185
_cell.angle_alpha   90.00
_cell.angle_beta   105.83
_cell.angle_gamma   90.00
#
_symmetry.space_group_name_H-M   'P 1 21 1'
#
loop_
_entity.id
_entity.type
_entity.pdbx_description
1 polymer Methyltransferase
2 non-polymer S-ADENOSYL-L-HOMOCYSTEINE
3 non-polymer 'SULFATE ION'
4 water water
#
_entity_poly.entity_id   1
_entity_poly.type   'polypeptide(L)'
_entity_poly.pdbx_seq_one_letter_code
;GPQPKKVGAIVPTSSITAKKMASVINPHSGLPVLELGPGTGVITKAILARGIKPESLTAIEYSTDFYNQLLRSYPGVNFV
NGDAFDLDATLGEHKGQMFDSVISAVPMLNFPMAARIKLLDELLKRVPHGRPVVQISYGPISPIVAQPHLYHIRHFDFIV
RNIPPAQLWTYTRA
;
_entity_poly.pdbx_strand_id   A,B,C,D
#
# COMPACT_ATOMS: atom_id res chain seq x y z
N PRO A 2 7.18 -17.98 -10.59
CA PRO A 2 6.34 -17.59 -11.73
C PRO A 2 5.20 -16.64 -11.32
N GLN A 3 4.49 -16.09 -12.30
CA GLN A 3 3.55 -15.00 -12.04
C GLN A 3 2.18 -15.54 -11.67
N PRO A 4 1.67 -15.25 -10.48
CA PRO A 4 0.34 -15.75 -10.08
C PRO A 4 -0.80 -14.98 -10.74
N LYS A 5 -1.86 -15.71 -11.04
CA LYS A 5 -3.07 -15.11 -11.60
C LYS A 5 -4.05 -14.77 -10.48
N LYS A 6 -5.12 -14.06 -10.85
CA LYS A 6 -6.19 -13.66 -9.94
C LYS A 6 -5.64 -12.97 -8.69
N VAL A 7 -4.76 -11.99 -8.91
CA VAL A 7 -4.12 -11.28 -7.81
C VAL A 7 -5.15 -10.43 -7.08
N GLY A 8 -4.92 -10.22 -5.78
CA GLY A 8 -5.84 -9.42 -4.99
C GLY A 8 -7.05 -10.23 -4.51
N ALA A 9 -8.17 -9.52 -4.36
CA ALA A 9 -9.44 -10.11 -3.96
C ALA A 9 -10.40 -10.00 -5.14
N ILE A 10 -10.39 -10.98 -6.03
CA ILE A 10 -11.28 -10.93 -7.18
C ILE A 10 -12.10 -12.21 -7.34
N VAL A 11 -12.03 -13.11 -6.35
CA VAL A 11 -12.91 -14.28 -6.36
C VAL A 11 -13.94 -14.13 -5.23
N PRO A 12 -15.08 -14.82 -5.30
CA PRO A 12 -16.08 -14.70 -4.21
C PRO A 12 -15.51 -15.10 -2.85
N THR A 13 -16.04 -14.46 -1.82
CA THR A 13 -15.70 -14.78 -0.45
C THR A 13 -16.05 -16.24 -0.13
N SER A 14 -15.18 -16.89 0.64
CA SER A 14 -15.38 -18.29 1.03
C SER A 14 -16.63 -18.48 1.87
N SER A 15 -17.23 -19.67 1.74
CA SER A 15 -18.40 -20.02 2.56
C SER A 15 -18.08 -20.04 4.06
N ILE A 16 -16.84 -20.38 4.43
CA ILE A 16 -16.45 -20.30 5.84
C ILE A 16 -16.53 -18.85 6.33
N THR A 17 -15.96 -17.93 5.56
CA THR A 17 -16.02 -16.52 5.97
C THR A 17 -17.45 -16.01 6.01
N ALA A 18 -18.26 -16.39 5.01
CA ALA A 18 -19.63 -15.88 4.91
C ALA A 18 -20.46 -16.28 6.13
N LYS A 19 -20.32 -17.55 6.56
CA LYS A 19 -21.04 -18.02 7.73
C LYS A 19 -20.64 -17.23 8.97
N LYS A 20 -19.35 -16.90 9.11
CA LYS A 20 -18.90 -16.16 10.29
C LYS A 20 -19.46 -14.74 10.31
N MET A 21 -19.46 -14.07 9.17
CA MET A 21 -20.09 -12.75 9.10
C MET A 21 -21.57 -12.82 9.46
N ALA A 22 -22.29 -13.82 8.96
CA ALA A 22 -23.72 -13.91 9.25
C ALA A 22 -24.03 -14.38 10.66
N SER A 23 -23.02 -14.79 11.43
CA SER A 23 -23.27 -15.25 12.79
C SER A 23 -23.55 -14.09 13.75
N VAL A 24 -23.24 -12.86 13.38
CA VAL A 24 -23.59 -11.73 14.25
C VAL A 24 -25.09 -11.48 14.33
N ILE A 25 -25.88 -12.05 13.40
CA ILE A 25 -27.30 -11.72 13.29
C ILE A 25 -28.08 -12.36 14.43
N ASN A 26 -29.10 -11.64 14.94
CA ASN A 26 -30.08 -12.26 15.83
C ASN A 26 -31.38 -12.52 15.06
N PRO A 27 -31.62 -13.74 14.57
CA PRO A 27 -32.84 -14.00 13.78
C PRO A 27 -34.12 -13.97 14.59
N HIS A 28 -34.05 -13.76 15.90
CA HIS A 28 -35.24 -13.73 16.76
C HIS A 28 -35.62 -12.32 17.21
N SER A 29 -34.98 -11.28 16.66
CA SER A 29 -35.22 -9.91 17.14
C SER A 29 -36.40 -9.25 16.47
N GLY A 30 -36.96 -9.84 15.41
CA GLY A 30 -38.03 -9.21 14.69
C GLY A 30 -37.61 -8.08 13.77
N LEU A 31 -36.30 -7.79 13.65
CA LEU A 31 -35.83 -6.69 12.83
C LEU A 31 -35.14 -7.20 11.56
N PRO A 32 -35.29 -6.49 10.44
CA PRO A 32 -34.66 -6.92 9.17
C PRO A 32 -33.15 -6.75 9.22
N VAL A 33 -32.47 -7.33 8.22
CA VAL A 33 -31.01 -7.27 8.11
C VAL A 33 -30.66 -6.46 6.85
N LEU A 34 -29.57 -5.68 6.94
CA LEU A 34 -29.05 -4.91 5.82
C LEU A 34 -27.73 -5.51 5.34
N GLU A 35 -27.67 -5.91 4.06
CA GLU A 35 -26.46 -6.41 3.42
C GLU A 35 -25.96 -5.39 2.41
N LEU A 36 -24.65 -5.12 2.39
CA LEU A 36 -24.06 -4.20 1.43
C LEU A 36 -23.14 -4.95 0.47
N GLY A 37 -23.36 -4.77 -0.83
CA GLY A 37 -22.51 -5.34 -1.85
C GLY A 37 -22.60 -6.86 -1.98
N PRO A 38 -23.78 -7.39 -2.31
CA PRO A 38 -23.98 -8.87 -2.31
C PRO A 38 -23.27 -9.64 -3.44
N GLY A 39 -22.97 -9.03 -4.58
CA GLY A 39 -22.15 -9.71 -5.58
C GLY A 39 -22.82 -10.96 -6.13
N THR A 40 -22.12 -12.10 -6.07
CA THR A 40 -22.70 -13.38 -6.50
C THR A 40 -23.72 -13.93 -5.51
N GLY A 41 -23.79 -13.38 -4.30
CA GLY A 41 -24.78 -13.82 -3.35
C GLY A 41 -24.32 -14.81 -2.30
N VAL A 42 -23.01 -15.04 -2.17
CA VAL A 42 -22.55 -16.05 -1.21
C VAL A 42 -22.84 -15.61 0.23
N ILE A 43 -22.75 -14.32 0.54
CA ILE A 43 -23.10 -13.94 1.90
C ILE A 43 -24.61 -13.90 2.07
N THR A 44 -25.35 -13.49 1.03
CA THR A 44 -26.82 -13.58 1.05
C THR A 44 -27.29 -14.95 1.48
N LYS A 45 -26.74 -16.00 0.87
CA LYS A 45 -27.10 -17.38 1.22
C LYS A 45 -26.88 -17.65 2.71
N ALA A 46 -25.72 -17.22 3.25
CA ALA A 46 -25.44 -17.44 4.67
C ALA A 46 -26.39 -16.65 5.58
N ILE A 47 -26.84 -15.47 5.12
CA ILE A 47 -27.82 -14.70 5.90
C ILE A 47 -29.16 -15.43 5.94
N LEU A 48 -29.62 -15.89 4.77
CA LEU A 48 -30.89 -16.62 4.73
C LEU A 48 -30.82 -17.93 5.52
N ALA A 49 -29.66 -18.60 5.50
CA ALA A 49 -29.47 -19.83 6.27
C ALA A 49 -29.63 -19.62 7.78
N ARG A 50 -29.52 -18.38 8.28
CA ARG A 50 -29.83 -18.15 9.68
C ARG A 50 -31.33 -18.18 9.95
N GLY A 51 -32.17 -18.24 8.92
CA GLY A 51 -33.60 -18.23 9.11
C GLY A 51 -34.25 -16.86 8.98
N ILE A 52 -33.54 -15.87 8.41
CA ILE A 52 -34.17 -14.59 8.07
C ILE A 52 -35.15 -14.81 6.93
N LYS A 53 -36.38 -14.32 7.08
CA LYS A 53 -37.31 -14.36 5.96
C LYS A 53 -36.75 -13.54 4.80
N PRO A 54 -36.86 -14.03 3.55
CA PRO A 54 -36.28 -13.26 2.42
C PRO A 54 -36.75 -11.82 2.36
N GLU A 55 -38.04 -11.56 2.64
CA GLU A 55 -38.57 -10.21 2.57
C GLU A 55 -37.98 -9.29 3.64
N SER A 56 -37.34 -9.86 4.66
CA SER A 56 -36.69 -9.10 5.73
C SER A 56 -35.20 -8.88 5.49
N LEU A 57 -34.70 -9.20 4.30
CA LEU A 57 -33.32 -8.91 3.95
C LEU A 57 -33.30 -7.85 2.85
N THR A 58 -32.66 -6.72 3.12
CA THR A 58 -32.42 -5.67 2.13
C THR A 58 -30.95 -5.69 1.78
N ALA A 59 -30.64 -5.75 0.47
CA ALA A 59 -29.26 -5.85 -0.01
C ALA A 59 -29.04 -4.85 -1.13
N ILE A 60 -28.03 -3.99 -0.97
CA ILE A 60 -27.77 -2.86 -1.86
C ILE A 60 -26.57 -3.20 -2.72
N GLU A 61 -26.77 -3.20 -4.05
CA GLU A 61 -25.77 -3.63 -5.03
C GLU A 61 -25.66 -2.59 -6.15
N TYR A 62 -24.46 -2.07 -6.37
CA TYR A 62 -24.29 -1.06 -7.41
C TYR A 62 -24.36 -1.68 -8.81
N SER A 63 -23.72 -2.83 -9.03
CA SER A 63 -23.64 -3.39 -10.37
C SER A 63 -25.02 -3.83 -10.83
N THR A 64 -25.48 -3.28 -11.95
CA THR A 64 -26.79 -3.68 -12.49
C THR A 64 -26.76 -5.13 -12.97
N ASP A 65 -25.64 -5.56 -13.55
CA ASP A 65 -25.49 -6.96 -13.96
C ASP A 65 -25.66 -7.91 -12.77
N PHE A 66 -24.90 -7.69 -11.69
CA PHE A 66 -25.08 -8.52 -10.50
C PHE A 66 -26.51 -8.43 -9.98
N TYR A 67 -27.10 -7.23 -9.96
CA TYR A 67 -28.43 -7.02 -9.40
C TYR A 67 -29.50 -7.82 -10.16
N ASN A 68 -29.43 -7.79 -11.50
CA ASN A 68 -30.42 -8.53 -12.29
C ASN A 68 -30.32 -10.03 -12.00
N GLN A 69 -29.11 -10.55 -11.82
CA GLN A 69 -28.93 -11.97 -11.55
C GLN A 69 -29.39 -12.34 -10.14
N LEU A 70 -29.15 -11.46 -9.15
CA LEU A 70 -29.62 -11.73 -7.78
C LEU A 70 -31.13 -11.82 -7.69
N LEU A 71 -31.85 -10.94 -8.42
CA LEU A 71 -33.31 -11.02 -8.45
C LEU A 71 -33.79 -12.40 -8.87
N ARG A 72 -33.09 -13.02 -9.83
CA ARG A 72 -33.51 -14.32 -10.33
C ARG A 72 -33.04 -15.48 -9.46
N SER A 73 -31.95 -15.32 -8.70
CA SER A 73 -31.41 -16.41 -7.89
C SER A 73 -31.98 -16.48 -6.49
N TYR A 74 -32.41 -15.34 -5.94
CA TYR A 74 -32.91 -15.25 -4.56
C TYR A 74 -34.29 -14.61 -4.57
N PRO A 75 -35.33 -15.35 -4.95
CA PRO A 75 -36.69 -14.80 -4.91
C PRO A 75 -37.06 -14.32 -3.51
N GLY A 76 -37.75 -13.18 -3.46
CA GLY A 76 -38.27 -12.67 -2.23
C GLY A 76 -37.40 -11.63 -1.54
N VAL A 77 -36.08 -11.62 -1.80
CA VAL A 77 -35.16 -10.72 -1.11
C VAL A 77 -35.29 -9.33 -1.69
N ASN A 78 -35.22 -8.32 -0.83
CA ASN A 78 -35.40 -6.92 -1.21
C ASN A 78 -34.07 -6.35 -1.71
N PHE A 79 -33.72 -6.68 -2.96
CA PHE A 79 -32.50 -6.12 -3.57
C PHE A 79 -32.78 -4.70 -4.06
N VAL A 80 -31.78 -3.83 -3.92
CA VAL A 80 -31.83 -2.44 -4.34
C VAL A 80 -30.60 -2.18 -5.20
N ASN A 81 -30.81 -1.63 -6.40
CA ASN A 81 -29.71 -1.29 -7.32
C ASN A 81 -29.30 0.15 -7.06
N GLY A 82 -28.19 0.35 -6.36
CA GLY A 82 -27.72 1.69 -6.09
C GLY A 82 -26.45 1.71 -5.27
N ASP A 83 -26.12 2.91 -4.79
CA ASP A 83 -24.86 3.18 -4.10
C ASP A 83 -25.09 3.15 -2.59
N ALA A 84 -24.43 2.22 -1.91
CA ALA A 84 -24.58 2.08 -0.46
C ALA A 84 -24.07 3.29 0.30
N PHE A 85 -23.20 4.11 -0.27
CA PHE A 85 -22.79 5.34 0.39
C PHE A 85 -23.86 6.43 0.31
N ASP A 86 -24.92 6.22 -0.48
CA ASP A 86 -26.06 7.14 -0.54
C ASP A 86 -27.29 6.45 0.04
N LEU A 87 -27.34 6.37 1.38
CA LEU A 87 -28.44 5.69 2.03
C LEU A 87 -29.78 6.39 1.82
N ASP A 88 -29.76 7.72 1.72
CA ASP A 88 -31.02 8.41 1.47
C ASP A 88 -31.61 8.02 0.12
N ALA A 89 -30.78 7.90 -0.92
CA ALA A 89 -31.29 7.51 -2.22
C ALA A 89 -31.66 6.03 -2.28
N THR A 90 -30.96 5.17 -1.54
CA THR A 90 -31.22 3.73 -1.62
C THR A 90 -32.25 3.24 -0.61
N LEU A 91 -32.17 3.67 0.65
CA LEU A 91 -33.12 3.27 1.67
C LEU A 91 -34.23 4.29 1.89
N GLY A 92 -34.07 5.51 1.43
CA GLY A 92 -34.98 6.56 1.81
C GLY A 92 -34.48 7.29 3.06
N GLU A 93 -34.95 8.53 3.19
CA GLU A 93 -34.65 9.33 4.37
C GLU A 93 -35.04 8.55 5.63
N HIS A 94 -34.18 8.60 6.63
CA HIS A 94 -34.42 7.81 7.83
C HIS A 94 -35.64 8.35 8.58
N LYS A 95 -36.63 7.47 8.79
CA LYS A 95 -37.85 7.84 9.49
C LYS A 95 -38.16 6.85 10.62
N GLY A 96 -37.18 6.07 11.05
CA GLY A 96 -37.39 5.16 12.16
C GLY A 96 -37.02 3.71 11.89
N GLN A 97 -36.86 3.32 10.63
CA GLN A 97 -36.56 1.91 10.32
C GLN A 97 -35.26 1.48 11.01
N MET A 98 -35.32 0.35 11.73
CA MET A 98 -34.18 -0.18 12.46
C MET A 98 -33.83 -1.56 11.91
N PHE A 99 -32.56 -1.78 11.61
CA PHE A 99 -32.07 -3.08 11.19
C PHE A 99 -31.44 -3.79 12.38
N ASP A 100 -31.53 -5.12 12.36
CA ASP A 100 -30.88 -5.93 13.40
C ASP A 100 -29.37 -5.75 13.39
N SER A 101 -28.77 -5.64 12.20
CA SER A 101 -27.33 -5.59 12.02
C SER A 101 -27.07 -5.30 10.55
N VAL A 102 -25.84 -4.89 10.24
CA VAL A 102 -25.41 -4.59 8.87
C VAL A 102 -24.24 -5.51 8.53
N ILE A 103 -24.33 -6.20 7.40
CA ILE A 103 -23.29 -7.12 6.91
C ILE A 103 -22.70 -6.47 5.66
N SER A 104 -21.44 -6.04 5.71
CA SER A 104 -20.89 -5.22 4.63
C SER A 104 -19.70 -5.90 3.98
N ALA A 105 -19.77 -6.05 2.65
CA ALA A 105 -18.62 -6.47 1.86
C ALA A 105 -18.28 -5.46 0.76
N VAL A 106 -18.71 -4.20 0.90
CA VAL A 106 -18.25 -3.20 -0.07
C VAL A 106 -16.75 -3.04 0.06
N PRO A 107 -16.02 -2.83 -1.05
CA PRO A 107 -14.57 -2.69 -0.99
C PRO A 107 -14.13 -1.32 -0.47
N MET A 108 -14.03 -1.24 0.85
CA MET A 108 -13.79 0.02 1.56
C MET A 108 -12.60 0.79 1.01
N LEU A 109 -11.53 0.07 0.64
CA LEU A 109 -10.32 0.77 0.21
C LEU A 109 -10.44 1.40 -1.17
N ASN A 110 -11.51 1.10 -1.92
CA ASN A 110 -11.78 1.86 -3.15
C ASN A 110 -12.26 3.28 -2.88
N PHE A 111 -12.51 3.64 -1.63
CA PHE A 111 -13.11 4.94 -1.32
C PHE A 111 -12.24 5.72 -0.34
N PRO A 112 -12.31 7.06 -0.35
CA PRO A 112 -11.54 7.84 0.63
C PRO A 112 -11.93 7.51 2.05
N MET A 113 -10.95 7.57 2.96
CA MET A 113 -11.22 7.32 4.38
C MET A 113 -12.37 8.19 4.89
N ALA A 114 -12.39 9.46 4.50
CA ALA A 114 -13.46 10.35 4.96
C ALA A 114 -14.83 9.78 4.62
N ALA A 115 -14.99 9.23 3.43
CA ALA A 115 -16.24 8.60 3.03
C ALA A 115 -16.59 7.37 3.88
N ARG A 116 -15.58 6.55 4.22
CA ARG A 116 -15.85 5.34 5.00
C ARG A 116 -16.33 5.69 6.40
N ILE A 117 -15.70 6.69 7.03
CA ILE A 117 -16.10 7.13 8.37
C ILE A 117 -17.52 7.66 8.35
N LYS A 118 -17.83 8.49 7.35
CA LYS A 118 -19.17 9.05 7.25
C LYS A 118 -20.21 7.95 7.05
N LEU A 119 -19.93 6.97 6.18
CA LEU A 119 -20.91 5.91 5.95
C LEU A 119 -21.15 5.11 7.22
N LEU A 120 -20.07 4.79 7.94
CA LEU A 120 -20.20 4.03 9.18
C LEU A 120 -21.03 4.77 10.20
N ASP A 121 -20.79 6.08 10.35
CA ASP A 121 -21.58 6.90 11.26
C ASP A 121 -23.06 6.91 10.88
N GLU A 122 -23.35 6.93 9.57
CA GLU A 122 -24.74 6.87 9.10
C GLU A 122 -25.37 5.50 9.34
N LEU A 123 -24.63 4.40 9.08
CA LEU A 123 -25.21 3.07 9.30
C LEU A 123 -25.57 2.86 10.76
N LEU A 124 -24.74 3.36 11.68
CA LEU A 124 -25.01 3.12 13.10
C LEU A 124 -26.23 3.89 13.62
N LYS A 125 -26.71 4.88 12.86
CA LYS A 125 -27.98 5.52 13.21
C LYS A 125 -29.16 4.59 12.98
N ARG A 126 -29.03 3.63 12.07
CA ARG A 126 -30.15 2.80 11.64
C ARG A 126 -30.10 1.38 12.22
N VAL A 127 -29.31 1.16 13.27
CA VAL A 127 -29.42 -0.07 14.06
C VAL A 127 -29.57 0.34 15.52
N PRO A 128 -30.19 -0.49 16.38
CA PRO A 128 -30.29 -0.13 17.80
C PRO A 128 -28.93 0.11 18.44
N HIS A 129 -28.93 0.94 19.48
CA HIS A 129 -27.70 1.27 20.19
C HIS A 129 -27.05 -0.02 20.72
N GLY A 130 -25.79 -0.26 20.33
CA GLY A 130 -25.07 -1.45 20.74
C GLY A 130 -24.99 -2.56 19.70
N ARG A 131 -25.82 -2.53 18.67
CA ARG A 131 -25.79 -3.54 17.61
C ARG A 131 -24.70 -3.22 16.59
N PRO A 132 -24.23 -4.25 15.81
CA PRO A 132 -23.01 -4.08 15.01
C PRO A 132 -23.20 -3.85 13.50
N VAL A 133 -22.19 -3.20 12.93
CA VAL A 133 -21.82 -3.37 11.53
C VAL A 133 -20.61 -4.31 11.50
N VAL A 134 -20.63 -5.32 10.61
CA VAL A 134 -19.48 -6.19 10.41
C VAL A 134 -18.96 -5.98 8.98
N GLN A 135 -17.65 -5.84 8.84
CA GLN A 135 -16.99 -5.54 7.56
C GLN A 135 -15.86 -6.53 7.30
N ILE A 136 -15.75 -6.99 6.06
CA ILE A 136 -14.62 -7.81 5.62
C ILE A 136 -13.55 -6.90 5.03
N SER A 137 -12.28 -7.21 5.30
CA SER A 137 -11.16 -6.53 4.65
C SER A 137 -9.96 -7.46 4.64
N TYR A 138 -8.85 -6.99 4.05
CA TYR A 138 -7.71 -7.87 3.77
C TYR A 138 -6.38 -7.37 4.31
N GLY A 139 -6.28 -6.12 4.73
CA GLY A 139 -5.04 -5.61 5.29
C GLY A 139 -4.82 -5.98 6.74
N PRO A 140 -3.74 -5.47 7.33
CA PRO A 140 -3.45 -5.77 8.74
C PRO A 140 -4.22 -4.90 9.72
N ILE A 141 -4.74 -3.74 9.30
CA ILE A 141 -5.43 -2.85 10.21
C ILE A 141 -6.87 -2.66 9.75
N SER A 142 -7.69 -2.11 10.65
CA SER A 142 -9.08 -1.79 10.34
C SER A 142 -9.16 -0.93 9.08
N PRO A 143 -10.04 -1.26 8.13
CA PRO A 143 -10.22 -0.40 6.96
C PRO A 143 -10.80 0.96 7.29
N ILE A 144 -11.36 1.14 8.48
CA ILE A 144 -11.90 2.42 8.95
C ILE A 144 -11.16 2.78 10.24
N VAL A 145 -10.50 3.95 10.23
CA VAL A 145 -9.62 4.34 11.32
C VAL A 145 -10.44 4.69 12.58
N ALA A 146 -9.80 4.54 13.75
CA ALA A 146 -10.51 4.76 15.01
C ALA A 146 -10.98 6.21 15.14
N GLN A 147 -12.24 6.38 15.55
CA GLN A 147 -12.79 7.67 15.97
C GLN A 147 -13.61 7.40 17.22
N PRO A 148 -12.97 7.36 18.39
CA PRO A 148 -13.62 6.77 19.57
C PRO A 148 -14.85 7.51 20.07
N HIS A 149 -15.01 8.79 19.73
CA HIS A 149 -16.20 9.50 20.15
C HIS A 149 -17.42 9.16 19.30
N LEU A 150 -17.22 8.41 18.21
CA LEU A 150 -18.27 8.01 17.28
C LEU A 150 -18.61 6.52 17.31
N TYR A 151 -17.61 5.65 17.44
CA TYR A 151 -17.84 4.20 17.42
C TYR A 151 -16.66 3.50 18.09
N HIS A 152 -16.88 2.21 18.43
CA HIS A 152 -15.86 1.34 18.98
C HIS A 152 -15.52 0.25 17.98
N ILE A 153 -14.22 0.03 17.73
CA ILE A 153 -13.74 -0.99 16.80
C ILE A 153 -13.36 -2.24 17.58
N ARG A 154 -13.78 -3.41 17.09
CA ARG A 154 -13.33 -4.69 17.62
C ARG A 154 -12.90 -5.61 16.48
N HIS A 155 -11.76 -6.27 16.65
CA HIS A 155 -11.40 -7.36 15.75
C HIS A 155 -12.31 -8.56 16.03
N PHE A 156 -12.93 -9.10 14.98
CA PHE A 156 -13.95 -10.15 15.13
C PHE A 156 -13.44 -11.54 14.78
N ASP A 157 -12.71 -11.70 13.66
CA ASP A 157 -12.18 -13.03 13.32
C ASP A 157 -11.16 -12.87 12.19
N PHE A 158 -10.41 -13.96 11.96
CA PHE A 158 -9.43 -14.03 10.89
C PHE A 158 -9.59 -15.40 10.24
N ILE A 159 -9.73 -15.44 8.91
CA ILE A 159 -10.00 -16.68 8.19
C ILE A 159 -8.90 -16.87 7.15
N VAL A 160 -8.00 -17.81 7.42
CA VAL A 160 -6.84 -18.02 6.59
C VAL A 160 -7.19 -18.80 5.32
N ARG A 161 -8.30 -19.54 5.33
CA ARG A 161 -8.75 -20.27 4.15
C ARG A 161 -9.38 -19.37 3.09
N ASN A 162 -9.71 -18.12 3.43
CA ASN A 162 -10.20 -17.18 2.44
C ASN A 162 -9.10 -16.83 1.44
N ILE A 163 -9.49 -16.48 0.22
CA ILE A 163 -8.56 -16.08 -0.84
C ILE A 163 -8.84 -14.61 -1.16
N PRO A 164 -7.98 -13.66 -0.75
CA PRO A 164 -6.85 -13.88 0.17
C PRO A 164 -7.37 -13.94 1.61
N PRO A 165 -6.50 -14.21 2.60
CA PRO A 165 -6.97 -14.31 3.99
C PRO A 165 -7.77 -13.09 4.41
N ALA A 166 -8.86 -13.33 5.12
CA ALA A 166 -9.87 -12.31 5.41
C ALA A 166 -9.83 -11.89 6.88
N GLN A 167 -9.82 -10.58 7.11
CA GLN A 167 -10.03 -10.02 8.43
C GLN A 167 -11.47 -9.54 8.54
N LEU A 168 -12.10 -9.82 9.67
CA LEU A 168 -13.44 -9.34 9.97
C LEU A 168 -13.39 -8.36 11.14
N TRP A 169 -14.04 -7.21 10.98
CA TRP A 169 -14.10 -6.18 12.00
C TRP A 169 -15.55 -5.86 12.35
N THR A 170 -15.80 -5.54 13.62
CA THR A 170 -17.14 -5.08 14.00
C THR A 170 -17.06 -3.70 14.63
N TYR A 171 -18.13 -2.93 14.43
CA TYR A 171 -18.24 -1.55 14.87
C TYR A 171 -19.57 -1.34 15.57
N THR A 172 -19.55 -0.66 16.72
CA THR A 172 -20.76 -0.35 17.46
C THR A 172 -20.72 1.10 17.90
N ARG A 173 -21.90 1.65 18.19
CA ARG A 173 -21.98 3.07 18.57
C ARG A 173 -21.31 3.31 19.92
N ALA A 174 -20.55 4.41 20.01
CA ALA A 174 -19.88 4.76 21.26
C ALA A 174 -20.77 5.62 22.17
N VAL B 11 -18.31 -6.46 -27.95
CA VAL B 11 -17.71 -6.26 -29.27
C VAL B 11 -16.48 -5.35 -29.14
N PRO B 12 -15.35 -5.76 -29.71
CA PRO B 12 -14.10 -5.02 -29.47
C PRO B 12 -14.16 -3.62 -30.05
N THR B 13 -13.41 -2.72 -29.40
CA THR B 13 -13.19 -1.39 -29.92
C THR B 13 -12.59 -1.46 -31.32
N SER B 14 -12.97 -0.51 -32.18
CA SER B 14 -12.50 -0.54 -33.55
C SER B 14 -11.06 -0.05 -33.61
N SER B 15 -10.36 -0.42 -34.71
CA SER B 15 -8.95 -0.03 -34.83
C SER B 15 -8.78 1.48 -34.98
N ILE B 16 -9.78 2.18 -35.51
CA ILE B 16 -9.73 3.64 -35.61
C ILE B 16 -9.64 4.26 -34.22
N THR B 17 -10.51 3.80 -33.32
CA THR B 17 -10.54 4.31 -31.95
C THR B 17 -9.26 3.96 -31.21
N ALA B 18 -8.78 2.73 -31.35
CA ALA B 18 -7.57 2.31 -30.66
C ALA B 18 -6.37 3.14 -31.10
N LYS B 19 -6.27 3.44 -32.40
CA LYS B 19 -5.15 4.26 -32.87
C LYS B 19 -5.20 5.66 -32.25
N LYS B 20 -6.39 6.24 -32.16
CA LYS B 20 -6.54 7.55 -31.54
C LYS B 20 -6.12 7.54 -30.08
N MET B 21 -6.52 6.48 -29.34
CA MET B 21 -6.17 6.40 -27.93
C MET B 21 -4.65 6.29 -27.74
N ALA B 22 -3.97 5.55 -28.61
CA ALA B 22 -2.53 5.35 -28.49
C ALA B 22 -1.70 6.53 -28.98
N SER B 23 -2.33 7.46 -29.72
CA SER B 23 -1.62 8.61 -30.26
C SER B 23 -1.10 9.57 -29.19
N VAL B 24 -1.57 9.47 -27.94
CA VAL B 24 -1.07 10.36 -26.88
C VAL B 24 0.31 9.95 -26.36
N ILE B 25 0.78 8.75 -26.68
CA ILE B 25 1.98 8.20 -26.09
C ILE B 25 3.22 8.85 -26.69
N ASN B 26 4.23 9.08 -25.85
CA ASN B 26 5.55 9.54 -26.28
C ASN B 26 6.54 8.39 -26.17
N PRO B 27 6.92 7.75 -27.29
CA PRO B 27 7.82 6.59 -27.22
C PRO B 27 9.27 6.94 -26.91
N HIS B 28 9.63 8.21 -26.80
CA HIS B 28 11.01 8.59 -26.53
C HIS B 28 11.25 9.03 -25.09
N SER B 29 10.25 8.88 -24.21
CA SER B 29 10.40 9.38 -22.85
C SER B 29 11.20 8.44 -21.96
N GLY B 30 11.42 7.19 -22.38
CA GLY B 30 12.06 6.22 -21.52
C GLY B 30 11.20 5.68 -20.42
N LEU B 31 9.93 6.03 -20.38
CA LEU B 31 9.04 5.57 -19.34
C LEU B 31 8.06 4.55 -19.88
N PRO B 32 7.67 3.56 -19.08
CA PRO B 32 6.71 2.55 -19.55
C PRO B 32 5.31 3.13 -19.70
N VAL B 33 4.44 2.34 -20.33
CA VAL B 33 3.04 2.70 -20.54
C VAL B 33 2.18 1.74 -19.72
N LEU B 34 1.07 2.24 -19.18
CA LEU B 34 0.09 1.43 -18.44
C LEU B 34 -1.23 1.35 -19.20
N GLU B 35 -1.73 0.12 -19.41
CA GLU B 35 -3.00 -0.13 -20.08
C GLU B 35 -3.95 -0.81 -19.10
N LEU B 36 -5.21 -0.37 -19.04
CA LEU B 36 -6.22 -1.00 -18.18
C LEU B 36 -7.30 -1.65 -19.04
N GLY B 37 -7.64 -2.90 -18.71
CA GLY B 37 -8.67 -3.65 -19.39
C GLY B 37 -8.41 -4.00 -20.85
N PRO B 38 -7.30 -4.69 -21.13
CA PRO B 38 -6.92 -4.93 -22.55
C PRO B 38 -7.84 -5.85 -23.34
N GLY B 39 -8.58 -6.77 -22.73
CA GLY B 39 -9.60 -7.52 -23.47
C GLY B 39 -8.99 -8.41 -24.55
N THR B 40 -9.50 -8.30 -25.79
CA THR B 40 -8.93 -9.05 -26.92
C THR B 40 -7.60 -8.50 -27.40
N GLY B 41 -7.21 -7.32 -26.93
CA GLY B 41 -5.90 -6.77 -27.24
C GLY B 41 -5.84 -5.78 -28.37
N VAL B 42 -6.97 -5.24 -28.83
CA VAL B 42 -6.92 -4.34 -29.99
C VAL B 42 -6.20 -3.04 -29.65
N ILE B 43 -6.34 -2.54 -28.41
CA ILE B 43 -5.60 -1.33 -28.02
C ILE B 43 -4.15 -1.65 -27.71
N THR B 44 -3.90 -2.80 -27.08
CA THR B 44 -2.54 -3.30 -26.91
C THR B 44 -1.76 -3.23 -28.22
N LYS B 45 -2.37 -3.75 -29.29
CA LYS B 45 -1.75 -3.73 -30.61
C LYS B 45 -1.44 -2.32 -31.07
N ALA B 46 -2.37 -1.38 -30.85
CA ALA B 46 -2.14 0.01 -31.24
C ALA B 46 -1.04 0.65 -30.41
N ILE B 47 -0.98 0.31 -29.11
CA ILE B 47 0.11 0.80 -28.26
C ILE B 47 1.45 0.30 -28.79
N LEU B 48 1.54 -1.00 -29.09
CA LEU B 48 2.81 -1.55 -29.54
C LEU B 48 3.23 -0.98 -30.90
N ALA B 49 2.26 -0.58 -31.72
CA ALA B 49 2.54 0.01 -33.01
C ALA B 49 3.19 1.40 -32.92
N ARG B 50 3.12 2.06 -31.76
CA ARG B 50 3.84 3.31 -31.57
C ARG B 50 5.34 3.09 -31.42
N GLY B 51 5.81 1.85 -31.33
CA GLY B 51 7.21 1.61 -31.11
C GLY B 51 7.61 1.44 -29.67
N ILE B 52 6.68 1.12 -28.78
CA ILE B 52 7.00 0.77 -27.40
C ILE B 52 7.59 -0.63 -27.34
N LYS B 53 8.72 -0.79 -26.63
CA LYS B 53 9.18 -2.13 -26.30
C LYS B 53 8.08 -2.89 -25.56
N PRO B 54 7.80 -4.13 -25.93
CA PRO B 54 6.74 -4.89 -25.23
C PRO B 54 6.94 -4.99 -23.72
N GLU B 55 8.18 -5.21 -23.27
CA GLU B 55 8.48 -5.27 -21.84
C GLU B 55 8.13 -3.97 -21.11
N SER B 56 8.02 -2.86 -21.83
CA SER B 56 7.70 -1.58 -21.23
C SER B 56 6.21 -1.27 -21.24
N LEU B 57 5.37 -2.25 -21.56
CA LEU B 57 3.93 -2.15 -21.39
C LEU B 57 3.47 -3.04 -20.23
N THR B 58 2.77 -2.43 -19.26
CA THR B 58 2.03 -3.14 -18.22
C THR B 58 0.55 -3.03 -18.53
N ALA B 59 -0.17 -4.15 -18.47
CA ALA B 59 -1.60 -4.16 -18.76
C ALA B 59 -2.31 -4.98 -17.71
N ILE B 60 -3.32 -4.40 -17.07
CA ILE B 60 -4.06 -5.05 -15.99
C ILE B 60 -5.39 -5.53 -16.52
N GLU B 61 -5.66 -6.84 -16.42
CA GLU B 61 -6.85 -7.45 -16.98
C GLU B 61 -7.54 -8.32 -15.93
N TYR B 62 -8.80 -8.00 -15.63
CA TYR B 62 -9.56 -8.72 -14.61
C TYR B 62 -9.89 -10.15 -15.04
N SER B 63 -10.29 -10.37 -16.29
CA SER B 63 -10.73 -11.67 -16.78
C SER B 63 -9.54 -12.61 -16.99
N THR B 64 -9.54 -13.73 -16.27
CA THR B 64 -8.45 -14.70 -16.43
C THR B 64 -8.45 -15.28 -17.85
N ASP B 65 -9.63 -15.45 -18.45
CA ASP B 65 -9.68 -16.00 -19.80
C ASP B 65 -9.10 -15.03 -20.82
N PHE B 66 -9.42 -13.73 -20.73
CA PHE B 66 -8.77 -12.77 -21.61
C PHE B 66 -7.26 -12.75 -21.37
N TYR B 67 -6.86 -12.72 -20.10
CA TYR B 67 -5.46 -12.73 -19.71
C TYR B 67 -4.70 -13.89 -20.33
N ASN B 68 -5.26 -15.11 -20.26
CA ASN B 68 -4.55 -16.30 -20.78
C ASN B 68 -4.31 -16.20 -22.27
N GLN B 69 -5.29 -15.73 -23.02
CA GLN B 69 -5.10 -15.58 -24.46
C GLN B 69 -4.07 -14.49 -24.75
N LEU B 70 -4.10 -13.39 -23.99
CA LEU B 70 -3.15 -12.30 -24.22
C LEU B 70 -1.71 -12.74 -24.02
N LEU B 71 -1.45 -13.62 -23.03
CA LEU B 71 -0.10 -14.14 -22.83
C LEU B 71 0.45 -14.80 -24.09
N ARG B 72 -0.41 -15.45 -24.86
CA ARG B 72 0.03 -16.20 -26.03
C ARG B 72 0.30 -15.29 -27.20
N SER B 73 -0.52 -14.25 -27.38
CA SER B 73 -0.40 -13.35 -28.52
C SER B 73 0.68 -12.30 -28.35
N TYR B 74 0.89 -11.83 -27.12
CA TYR B 74 1.83 -10.75 -26.82
C TYR B 74 2.75 -11.17 -25.69
N PRO B 75 3.63 -12.15 -25.93
CA PRO B 75 4.41 -12.74 -24.82
C PRO B 75 5.37 -11.79 -24.12
N GLY B 76 5.88 -10.75 -24.78
CA GLY B 76 6.80 -9.85 -24.10
C GLY B 76 6.16 -8.81 -23.19
N VAL B 77 4.84 -8.69 -23.18
CA VAL B 77 4.13 -7.65 -22.43
C VAL B 77 3.93 -8.08 -20.99
N ASN B 78 4.01 -7.12 -20.06
CA ASN B 78 3.83 -7.38 -18.63
C ASN B 78 2.35 -7.34 -18.26
N PHE B 79 1.65 -8.45 -18.53
CA PHE B 79 0.25 -8.58 -18.13
C PHE B 79 0.12 -8.97 -16.66
N VAL B 80 -0.93 -8.47 -16.02
CA VAL B 80 -1.28 -8.78 -14.63
C VAL B 80 -2.77 -9.13 -14.59
N ASN B 81 -3.09 -10.30 -14.02
CA ASN B 81 -4.48 -10.73 -13.86
C ASN B 81 -4.99 -10.22 -12.52
N GLY B 82 -5.69 -9.08 -12.54
CA GLY B 82 -6.14 -8.45 -11.31
C GLY B 82 -7.08 -7.28 -11.59
N ASP B 83 -7.44 -6.59 -10.50
CA ASP B 83 -8.42 -5.49 -10.50
C ASP B 83 -7.67 -4.16 -10.58
N ALA B 84 -8.00 -3.35 -11.59
CA ALA B 84 -7.36 -2.05 -11.77
C ALA B 84 -7.65 -1.10 -10.61
N PHE B 85 -8.77 -1.29 -9.91
CA PHE B 85 -9.03 -0.40 -8.79
C PHE B 85 -8.11 -0.69 -7.59
N ASP B 86 -7.41 -1.82 -7.58
CA ASP B 86 -6.50 -2.21 -6.49
C ASP B 86 -5.07 -2.13 -7.01
N LEU B 87 -4.56 -0.88 -7.12
CA LEU B 87 -3.24 -0.67 -7.72
C LEU B 87 -2.12 -1.24 -6.85
N ASP B 88 -2.31 -1.24 -5.53
CA ASP B 88 -1.30 -1.84 -4.66
C ASP B 88 -1.17 -3.34 -4.91
N ALA B 89 -2.28 -4.02 -5.18
CA ALA B 89 -2.21 -5.47 -5.45
C ALA B 89 -1.65 -5.79 -6.83
N THR B 90 -1.87 -4.92 -7.82
CA THR B 90 -1.48 -5.23 -9.20
C THR B 90 -0.15 -4.60 -9.60
N LEU B 91 0.14 -3.38 -9.13
CA LEU B 91 1.41 -2.73 -9.40
C LEU B 91 2.38 -2.79 -8.22
N GLY B 92 1.89 -3.06 -7.02
CA GLY B 92 2.68 -2.86 -5.82
C GLY B 92 2.56 -1.45 -5.27
N GLU B 93 3.01 -1.29 -4.03
CA GLU B 93 3.03 0.01 -3.37
C GLU B 93 3.83 1.02 -4.20
N HIS B 94 3.34 2.26 -4.25
CA HIS B 94 4.01 3.28 -5.06
C HIS B 94 5.24 3.78 -4.31
N LYS B 95 6.41 3.46 -4.84
CA LYS B 95 7.66 4.01 -4.34
C LYS B 95 8.37 4.79 -5.45
N GLY B 96 7.62 5.28 -6.44
CA GLY B 96 8.15 6.24 -7.38
C GLY B 96 8.01 5.90 -8.85
N GLN B 97 7.51 4.70 -9.17
CA GLN B 97 7.37 4.29 -10.57
C GLN B 97 6.51 5.27 -11.36
N MET B 98 7.01 5.67 -12.53
CA MET B 98 6.34 6.64 -13.39
C MET B 98 6.01 6.00 -14.74
N PHE B 99 4.79 6.25 -15.21
CA PHE B 99 4.37 5.82 -16.53
C PHE B 99 4.27 7.03 -17.44
N ASP B 100 4.56 6.82 -18.73
CA ASP B 100 4.44 7.90 -19.72
C ASP B 100 3.01 8.39 -19.84
N SER B 101 2.05 7.47 -19.73
CA SER B 101 0.63 7.74 -19.93
C SER B 101 -0.13 6.47 -19.53
N VAL B 102 -1.43 6.63 -19.35
CA VAL B 102 -2.33 5.56 -18.97
C VAL B 102 -3.44 5.50 -20.00
N ILE B 103 -3.66 4.31 -20.57
CA ILE B 103 -4.70 4.09 -21.57
C ILE B 103 -5.72 3.16 -20.95
N SER B 104 -6.94 3.63 -20.72
CA SER B 104 -7.88 2.87 -19.91
C SER B 104 -9.13 2.53 -20.72
N ALA B 105 -9.54 1.26 -20.66
CA ALA B 105 -10.84 0.85 -21.17
C ALA B 105 -11.69 0.15 -20.11
N VAL B 106 -11.38 0.30 -18.82
CA VAL B 106 -12.21 -0.34 -17.80
C VAL B 106 -13.62 0.24 -17.85
N PRO B 107 -14.67 -0.55 -17.59
CA PRO B 107 -16.04 -0.06 -17.81
C PRO B 107 -16.55 0.82 -16.67
N MET B 108 -16.26 2.13 -16.77
CA MET B 108 -16.42 3.05 -15.65
C MET B 108 -17.82 2.99 -15.04
N LEU B 109 -18.85 2.77 -15.85
CA LEU B 109 -20.24 2.78 -15.37
C LEU B 109 -20.57 1.61 -14.45
N ASN B 110 -19.73 0.57 -14.39
CA ASN B 110 -19.95 -0.51 -13.45
C ASN B 110 -19.49 -0.19 -12.03
N PHE B 111 -18.94 1.01 -11.80
CA PHE B 111 -18.34 1.33 -10.52
C PHE B 111 -18.88 2.65 -9.99
N PRO B 112 -19.05 2.80 -8.68
CA PRO B 112 -19.60 4.07 -8.15
C PRO B 112 -18.68 5.25 -8.47
N MET B 113 -19.29 6.43 -8.63
CA MET B 113 -18.54 7.61 -9.06
C MET B 113 -17.40 7.93 -8.10
N ALA B 114 -17.62 7.83 -6.79
CA ALA B 114 -16.55 8.16 -5.85
C ALA B 114 -15.37 7.22 -6.01
N ALA B 115 -15.60 5.98 -6.45
CA ALA B 115 -14.49 5.08 -6.70
C ALA B 115 -13.76 5.46 -7.99
N ARG B 116 -14.51 5.89 -9.03
CA ARG B 116 -13.87 6.38 -10.26
C ARG B 116 -12.94 7.55 -9.98
N ILE B 117 -13.41 8.51 -9.17
CA ILE B 117 -12.60 9.67 -8.82
C ILE B 117 -11.30 9.24 -8.13
N LYS B 118 -11.41 8.32 -7.16
CA LYS B 118 -10.19 7.98 -6.41
C LYS B 118 -9.20 7.22 -7.29
N LEU B 119 -9.68 6.36 -8.17
CA LEU B 119 -8.81 5.67 -9.12
C LEU B 119 -8.05 6.67 -9.99
N LEU B 120 -8.78 7.63 -10.57
CA LEU B 120 -8.13 8.64 -11.42
C LEU B 120 -7.07 9.42 -10.64
N ASP B 121 -7.42 9.83 -9.42
CA ASP B 121 -6.45 10.54 -8.56
C ASP B 121 -5.23 9.68 -8.28
N GLU B 122 -5.43 8.37 -8.06
CA GLU B 122 -4.28 7.48 -7.84
C GLU B 122 -3.45 7.32 -9.11
N LEU B 123 -4.11 7.18 -10.27
CA LEU B 123 -3.38 6.99 -11.52
C LEU B 123 -2.55 8.23 -11.89
N LEU B 124 -3.10 9.43 -11.62
CA LEU B 124 -2.34 10.65 -11.92
C LEU B 124 -1.13 10.82 -11.00
N LYS B 125 -1.10 10.18 -9.83
CA LYS B 125 0.11 10.17 -9.01
C LYS B 125 1.26 9.44 -9.71
N ARG B 126 0.94 8.49 -10.61
CA ARG B 126 1.94 7.61 -11.21
C ARG B 126 2.30 8.00 -12.65
N VAL B 127 1.94 9.21 -13.10
CA VAL B 127 2.49 9.77 -14.34
C VAL B 127 3.05 11.15 -14.04
N PRO B 128 3.99 11.62 -14.86
CA PRO B 128 4.57 12.96 -14.64
C PRO B 128 3.52 14.03 -14.81
N HIS B 129 3.71 15.14 -14.08
CA HIS B 129 2.74 16.23 -14.06
C HIS B 129 2.52 16.75 -15.48
N GLY B 130 1.28 16.69 -15.94
CA GLY B 130 0.93 17.17 -17.26
C GLY B 130 0.69 16.07 -18.28
N ARG B 131 1.11 14.83 -17.98
CA ARG B 131 0.87 13.68 -18.84
C ARG B 131 -0.52 13.10 -18.59
N PRO B 132 -1.13 12.41 -19.60
CA PRO B 132 -2.57 12.07 -19.52
C PRO B 132 -2.93 10.66 -19.08
N VAL B 133 -4.15 10.56 -18.56
CA VAL B 133 -4.94 9.34 -18.51
C VAL B 133 -6.05 9.47 -19.56
N VAL B 134 -6.14 8.50 -20.48
CA VAL B 134 -7.16 8.47 -21.54
C VAL B 134 -8.17 7.38 -21.23
N GLN B 135 -9.45 7.72 -21.29
CA GLN B 135 -10.54 6.82 -20.94
C GLN B 135 -11.60 6.78 -22.04
N ILE B 136 -12.10 5.58 -22.36
CA ILE B 136 -13.18 5.42 -23.33
C ILE B 136 -14.50 5.30 -22.58
N SER B 137 -15.56 5.93 -23.10
CA SER B 137 -16.91 5.74 -22.58
C SER B 137 -17.90 5.98 -23.71
N TYR B 138 -19.19 5.96 -23.40
CA TYR B 138 -20.19 5.91 -24.47
C TYR B 138 -21.34 6.91 -24.32
N GLY B 139 -21.37 7.69 -23.25
CA GLY B 139 -22.43 8.66 -23.05
C GLY B 139 -22.07 10.07 -23.47
N PRO B 140 -22.95 11.03 -23.20
CA PRO B 140 -22.70 12.41 -23.66
C PRO B 140 -21.76 13.22 -22.76
N ILE B 141 -21.54 12.82 -21.51
CA ILE B 141 -20.70 13.61 -20.61
C ILE B 141 -19.58 12.74 -20.05
N SER B 142 -18.59 13.40 -19.47
CA SER B 142 -17.43 12.72 -18.91
C SER B 142 -17.87 11.60 -17.97
N PRO B 143 -17.32 10.38 -18.10
CA PRO B 143 -17.63 9.33 -17.12
C PRO B 143 -17.12 9.63 -15.70
N ILE B 144 -16.18 10.56 -15.56
CA ILE B 144 -15.67 10.98 -14.26
C ILE B 144 -16.01 12.46 -14.10
N VAL B 145 -16.72 12.79 -13.01
CA VAL B 145 -17.23 14.17 -12.82
C VAL B 145 -16.10 15.14 -12.46
N ALA B 146 -16.36 16.43 -12.72
CA ALA B 146 -15.35 17.47 -12.48
C ALA B 146 -14.95 17.52 -11.01
N GLN B 147 -13.64 17.57 -10.77
CA GLN B 147 -13.07 17.75 -9.44
C GLN B 147 -11.88 18.68 -9.62
N PRO B 148 -12.13 19.99 -9.72
CA PRO B 148 -11.07 20.91 -10.18
C PRO B 148 -9.85 20.97 -9.27
N HIS B 149 -9.94 20.52 -8.03
CA HIS B 149 -8.73 20.44 -7.20
C HIS B 149 -7.88 19.23 -7.52
N LEU B 150 -8.39 18.29 -8.31
CA LEU B 150 -7.64 17.07 -8.63
C LEU B 150 -7.16 16.99 -10.07
N TYR B 151 -7.99 17.34 -11.05
CA TYR B 151 -7.62 17.14 -12.45
C TYR B 151 -8.35 18.10 -13.37
N HIS B 152 -7.80 18.23 -14.59
CA HIS B 152 -8.46 18.86 -15.72
C HIS B 152 -9.12 17.79 -16.57
N ILE B 153 -10.33 18.08 -17.08
CA ILE B 153 -11.04 17.22 -18.03
C ILE B 153 -10.97 17.86 -19.40
N ARG B 154 -10.57 17.10 -20.42
CA ARG B 154 -10.64 17.57 -21.80
C ARG B 154 -11.23 16.49 -22.69
N HIS B 155 -12.25 16.85 -23.46
CA HIS B 155 -12.78 15.93 -24.45
C HIS B 155 -11.74 15.73 -25.56
N PHE B 156 -11.56 14.48 -25.97
CA PHE B 156 -10.51 14.11 -26.92
C PHE B 156 -11.07 13.85 -28.31
N ASP B 157 -12.14 13.07 -28.43
CA ASP B 157 -12.74 12.73 -29.73
C ASP B 157 -14.07 12.03 -29.50
N PHE B 158 -14.94 12.10 -30.49
CA PHE B 158 -16.16 11.29 -30.53
C PHE B 158 -16.16 10.55 -31.86
N ILE B 159 -16.07 9.22 -31.80
CA ILE B 159 -15.78 8.38 -32.96
C ILE B 159 -17.04 7.61 -33.31
N VAL B 160 -17.74 8.05 -34.37
CA VAL B 160 -19.01 7.43 -34.71
C VAL B 160 -18.81 6.05 -35.33
N ARG B 161 -17.64 5.77 -35.92
CA ARG B 161 -17.31 4.45 -36.47
C ARG B 161 -16.77 3.52 -35.38
N ASN B 162 -17.62 3.24 -34.41
CA ASN B 162 -17.30 2.34 -33.32
C ASN B 162 -18.65 1.78 -32.90
N ILE B 163 -18.65 0.54 -32.41
CA ILE B 163 -19.89 -0.11 -31.99
C ILE B 163 -19.87 -0.28 -30.48
N PRO B 164 -20.57 0.56 -29.71
CA PRO B 164 -21.34 1.75 -30.11
C PRO B 164 -20.39 2.96 -30.29
N PRO B 165 -20.88 4.10 -30.77
CA PRO B 165 -20.00 5.27 -30.91
C PRO B 165 -19.24 5.55 -29.62
N ALA B 166 -17.94 5.82 -29.75
CA ALA B 166 -17.04 5.89 -28.59
C ALA B 166 -16.59 7.31 -28.29
N GLN B 167 -16.72 7.71 -27.03
CA GLN B 167 -16.17 8.96 -26.52
C GLN B 167 -14.80 8.72 -25.90
N LEU B 168 -13.86 9.62 -26.21
CA LEU B 168 -12.53 9.58 -25.62
C LEU B 168 -12.31 10.83 -24.80
N TRP B 169 -11.85 10.65 -23.55
CA TRP B 169 -11.57 11.77 -22.65
C TRP B 169 -10.14 11.69 -22.13
N THR B 170 -9.47 12.83 -21.95
CA THR B 170 -8.19 12.80 -21.26
C THR B 170 -8.27 13.63 -19.99
N TYR B 171 -7.51 13.19 -18.98
CA TYR B 171 -7.41 13.86 -17.70
C TYR B 171 -5.94 14.08 -17.37
N THR B 172 -5.63 15.27 -16.85
CA THR B 172 -4.29 15.62 -16.41
C THR B 172 -4.37 16.25 -15.02
N ARG B 173 -3.24 16.26 -14.31
CA ARG B 173 -3.19 16.76 -12.94
C ARG B 173 -3.42 18.26 -12.90
N ALA B 174 -4.28 18.69 -11.98
CA ALA B 174 -4.55 20.11 -11.76
C ALA B 174 -3.47 20.75 -10.89
N VAL C 11 24.69 -21.88 26.10
CA VAL C 11 24.73 -22.69 24.89
C VAL C 11 23.49 -22.39 24.04
N PRO C 12 23.70 -21.82 22.85
CA PRO C 12 22.54 -21.43 22.05
C PRO C 12 21.81 -22.65 21.52
N THR C 13 20.48 -22.54 21.47
CA THR C 13 19.62 -23.54 20.85
C THR C 13 20.20 -24.04 19.54
N SER C 14 20.20 -25.36 19.35
CA SER C 14 20.75 -25.88 18.12
C SER C 14 19.85 -25.53 16.93
N SER C 15 20.41 -25.66 15.73
CA SER C 15 19.69 -25.25 14.53
C SER C 15 18.47 -26.12 14.28
N ILE C 16 18.57 -27.42 14.61
CA ILE C 16 17.45 -28.32 14.38
C ILE C 16 16.29 -27.98 15.32
N THR C 17 16.58 -27.65 16.58
CA THR C 17 15.53 -27.23 17.50
C THR C 17 14.86 -25.94 17.02
N ALA C 18 15.66 -24.98 16.57
CA ALA C 18 15.09 -23.71 16.11
C ALA C 18 14.23 -23.92 14.88
N LYS C 19 14.65 -24.82 13.98
CA LYS C 19 13.84 -25.11 12.80
C LYS C 19 12.49 -25.72 13.20
N LYS C 20 12.50 -26.66 14.15
CA LYS C 20 11.26 -27.26 14.60
C LYS C 20 10.32 -26.22 15.20
N MET C 21 10.86 -25.31 16.03
CA MET C 21 10.02 -24.28 16.66
C MET C 21 9.40 -23.34 15.64
N ALA C 22 10.20 -22.88 14.67
CA ALA C 22 9.69 -21.97 13.65
C ALA C 22 8.73 -22.66 12.66
N SER C 23 8.70 -23.99 12.62
CA SER C 23 7.87 -24.66 11.61
C SER C 23 6.38 -24.48 11.86
N VAL C 24 5.98 -23.98 13.04
CA VAL C 24 4.56 -23.75 13.28
C VAL C 24 4.05 -22.54 12.51
N ILE C 25 4.95 -21.65 12.08
CA ILE C 25 4.56 -20.40 11.43
C ILE C 25 3.92 -20.68 10.07
N ASN C 26 2.83 -19.98 9.78
CA ASN C 26 2.24 -19.90 8.44
C ASN C 26 2.67 -18.61 7.74
N PRO C 27 3.74 -18.64 6.95
CA PRO C 27 4.19 -17.39 6.29
C PRO C 27 3.21 -16.87 5.24
N HIS C 28 2.19 -17.63 4.87
CA HIS C 28 1.19 -17.17 3.92
C HIS C 28 -0.03 -16.55 4.57
N SER C 29 -0.11 -16.50 5.90
CA SER C 29 -1.25 -15.85 6.53
C SER C 29 -1.21 -14.34 6.38
N GLY C 30 -0.03 -13.77 6.18
CA GLY C 30 0.09 -12.33 6.10
C GLY C 30 0.13 -11.63 7.44
N LEU C 31 -0.08 -12.36 8.56
CA LEU C 31 0.04 -11.83 9.91
C LEU C 31 1.49 -11.87 10.37
N PRO C 32 1.88 -10.94 11.23
CA PRO C 32 3.24 -10.93 11.77
C PRO C 32 3.43 -12.01 12.85
N VAL C 33 4.69 -12.19 13.25
CA VAL C 33 5.09 -13.19 14.22
C VAL C 33 5.69 -12.49 15.45
N LEU C 34 5.42 -13.02 16.64
CA LEU C 34 5.97 -12.50 17.88
C LEU C 34 6.96 -13.50 18.47
N GLU C 35 8.19 -13.07 18.72
CA GLU C 35 9.22 -13.88 19.38
C GLU C 35 9.52 -13.29 20.75
N LEU C 36 9.69 -14.15 21.75
CA LEU C 36 10.04 -13.72 23.09
C LEU C 36 11.41 -14.27 23.46
N GLY C 37 12.31 -13.40 23.91
CA GLY C 37 13.65 -13.77 24.32
C GLY C 37 14.58 -14.26 23.23
N PRO C 38 14.88 -13.42 22.22
CA PRO C 38 15.69 -13.90 21.09
C PRO C 38 17.16 -14.16 21.40
N GLY C 39 17.75 -13.50 22.41
CA GLY C 39 19.10 -13.86 22.84
C GLY C 39 20.14 -13.57 21.76
N THR C 40 20.85 -14.60 21.33
CA THR C 40 21.79 -14.47 20.23
C THR C 40 21.14 -14.46 18.85
N GLY C 41 19.84 -14.79 18.76
CA GLY C 41 19.13 -14.75 17.50
C GLY C 41 19.10 -16.03 16.69
N VAL C 42 19.47 -17.16 17.28
CA VAL C 42 19.46 -18.39 16.49
C VAL C 42 18.03 -18.76 16.09
N ILE C 43 17.04 -18.48 16.93
CA ILE C 43 15.66 -18.73 16.55
C ILE C 43 15.15 -17.65 15.60
N THR C 44 15.53 -16.39 15.86
CA THR C 44 15.21 -15.30 14.93
C THR C 44 15.65 -15.64 13.51
N LYS C 45 16.85 -16.21 13.37
CA LYS C 45 17.34 -16.64 12.08
C LYS C 45 16.43 -17.68 11.44
N ALA C 46 15.95 -18.64 12.23
CA ALA C 46 15.06 -19.67 11.71
C ALA C 46 13.70 -19.11 11.32
N ILE C 47 13.22 -18.09 12.04
CA ILE C 47 11.94 -17.47 11.70
C ILE C 47 12.04 -16.75 10.36
N LEU C 48 13.12 -15.99 10.16
CA LEU C 48 13.34 -15.34 8.87
C LEU C 48 13.48 -16.36 7.75
N ALA C 49 14.03 -17.54 8.06
CA ALA C 49 14.20 -18.57 7.04
C ALA C 49 12.87 -19.18 6.58
N ARG C 50 11.78 -19.00 7.33
CA ARG C 50 10.46 -19.38 6.81
C ARG C 50 9.93 -18.42 5.78
N GLY C 51 10.58 -17.28 5.57
CA GLY C 51 10.07 -16.29 4.65
C GLY C 51 9.28 -15.17 5.28
N ILE C 52 9.29 -15.05 6.60
CA ILE C 52 8.75 -13.87 7.26
C ILE C 52 9.68 -12.71 6.98
N LYS C 53 9.14 -11.64 6.40
CA LYS C 53 9.97 -10.46 6.18
C LYS C 53 10.32 -9.83 7.52
N PRO C 54 11.52 -9.22 7.63
CA PRO C 54 11.97 -8.74 8.95
C PRO C 54 11.02 -7.76 9.60
N GLU C 55 10.41 -6.85 8.84
CA GLU C 55 9.48 -5.89 9.45
C GLU C 55 8.28 -6.57 10.08
N SER C 56 8.01 -7.82 9.73
CA SER C 56 6.87 -8.54 10.29
C SER C 56 7.24 -9.45 11.45
N LEU C 57 8.45 -9.34 11.99
CA LEU C 57 8.85 -10.08 13.19
C LEU C 57 9.08 -9.06 14.32
N THR C 58 8.22 -9.12 15.33
CA THR C 58 8.43 -8.41 16.58
C THR C 58 9.07 -9.38 17.57
N ALA C 59 10.15 -8.97 18.23
CA ALA C 59 10.84 -9.83 19.18
C ALA C 59 11.20 -9.04 20.42
N ILE C 60 10.77 -9.52 21.58
CA ILE C 60 10.94 -8.80 22.84
C ILE C 60 12.12 -9.39 23.59
N GLU C 61 13.11 -8.55 23.92
CA GLU C 61 14.32 -8.98 24.61
C GLU C 61 14.57 -8.10 25.82
N TYR C 62 14.84 -8.73 26.97
CA TYR C 62 15.01 -7.98 28.21
C TYR C 62 16.40 -7.37 28.32
N SER C 63 17.44 -8.14 28.01
CA SER C 63 18.80 -7.66 28.14
C SER C 63 19.08 -6.59 27.11
N THR C 64 19.48 -5.39 27.58
CA THR C 64 19.82 -4.31 26.65
C THR C 64 21.01 -4.68 25.78
N ASP C 65 22.00 -5.37 26.35
CA ASP C 65 23.19 -5.72 25.58
C ASP C 65 22.86 -6.69 24.45
N PHE C 66 22.09 -7.74 24.73
CA PHE C 66 21.59 -8.60 23.65
C PHE C 66 20.78 -7.78 22.64
N TYR C 67 19.96 -6.86 23.14
CA TYR C 67 19.15 -6.00 22.27
C TYR C 67 20.03 -5.20 21.31
N ASN C 68 21.12 -4.61 21.81
CA ASN C 68 22.00 -3.81 20.97
C ASN C 68 22.68 -4.67 19.91
N GLN C 69 23.07 -5.89 20.26
CA GLN C 69 23.72 -6.76 19.27
C GLN C 69 22.72 -7.23 18.23
N LEU C 70 21.48 -7.51 18.65
CA LEU C 70 20.46 -7.97 17.71
C LEU C 70 20.16 -6.92 16.65
N LEU C 71 20.25 -5.64 17.03
CA LEU C 71 20.02 -4.56 16.07
C LEU C 71 21.08 -4.55 14.98
N ARG C 72 22.31 -4.94 15.30
CA ARG C 72 23.35 -5.05 14.29
C ARG C 72 23.20 -6.31 13.45
N SER C 73 22.86 -7.43 14.10
CA SER C 73 22.85 -8.73 13.43
C SER C 73 21.67 -8.90 12.48
N TYR C 74 20.51 -8.33 12.81
CA TYR C 74 19.27 -8.56 12.07
C TYR C 74 18.57 -7.23 11.83
N PRO C 75 19.07 -6.43 10.88
CA PRO C 75 18.42 -5.15 10.60
C PRO C 75 17.05 -5.37 9.98
N GLY C 76 16.11 -4.48 10.33
CA GLY C 76 14.76 -4.57 9.85
C GLY C 76 13.79 -5.22 10.82
N VAL C 77 14.29 -6.10 11.69
CA VAL C 77 13.44 -6.79 12.66
C VAL C 77 13.02 -5.81 13.75
N ASN C 78 11.76 -5.90 14.16
CA ASN C 78 11.22 -4.98 15.16
C ASN C 78 11.58 -5.49 16.56
N PHE C 79 12.83 -5.26 16.96
CA PHE C 79 13.26 -5.62 18.30
C PHE C 79 12.73 -4.62 19.31
N VAL C 80 12.32 -5.11 20.48
CA VAL C 80 11.84 -4.26 21.56
C VAL C 80 12.55 -4.67 22.84
N ASN C 81 13.17 -3.70 23.50
CA ASN C 81 13.91 -3.95 24.74
C ASN C 81 12.93 -3.80 25.90
N GLY C 82 12.56 -4.91 26.52
CA GLY C 82 11.58 -4.86 27.60
C GLY C 82 11.27 -6.24 28.14
N ASP C 83 10.34 -6.24 29.10
CA ASP C 83 9.91 -7.44 29.82
C ASP C 83 8.68 -8.04 29.13
N ALA C 84 8.79 -9.30 28.69
CA ALA C 84 7.66 -9.97 28.03
C ALA C 84 6.47 -10.10 28.96
N PHE C 85 6.69 -10.11 30.28
CA PHE C 85 5.56 -10.22 31.20
C PHE C 85 4.79 -8.91 31.33
N ASP C 86 5.23 -7.85 30.66
CA ASP C 86 4.51 -6.57 30.63
C ASP C 86 4.18 -6.26 29.18
N LEU C 87 3.14 -6.94 28.67
CA LEU C 87 2.81 -6.85 27.25
C LEU C 87 2.28 -5.46 26.88
N ASP C 88 1.48 -4.85 27.77
CA ASP C 88 0.94 -3.52 27.47
C ASP C 88 2.05 -2.49 27.31
N ALA C 89 3.03 -2.51 28.20
CA ALA C 89 4.16 -1.60 28.10
C ALA C 89 5.08 -1.92 26.93
N THR C 90 5.12 -3.16 26.46
CA THR C 90 6.06 -3.52 25.40
C THR C 90 5.41 -3.61 24.02
N LEU C 91 4.17 -4.05 23.91
CA LEU C 91 3.48 -4.11 22.63
C LEU C 91 2.41 -3.03 22.47
N GLY C 92 2.11 -2.27 23.51
CA GLY C 92 0.90 -1.47 23.55
C GLY C 92 -0.31 -2.32 23.90
N GLU C 93 -1.41 -1.64 24.23
CA GLU C 93 -2.62 -2.35 24.60
C GLU C 93 -3.27 -2.97 23.37
N HIS C 94 -3.90 -4.13 23.58
CA HIS C 94 -4.38 -4.95 22.47
C HIS C 94 -5.57 -4.29 21.80
N LYS C 95 -5.37 -3.80 20.58
CA LYS C 95 -6.40 -3.09 19.83
C LYS C 95 -7.03 -3.95 18.75
N GLY C 96 -6.46 -5.12 18.46
CA GLY C 96 -6.94 -5.99 17.40
C GLY C 96 -5.87 -6.39 16.41
N GLN C 97 -4.59 -6.12 16.71
CA GLN C 97 -3.50 -6.68 15.92
C GLN C 97 -3.29 -8.13 16.33
N MET C 98 -3.55 -9.05 15.40
CA MET C 98 -3.30 -10.47 15.59
C MET C 98 -1.88 -10.82 15.16
N PHE C 99 -1.23 -11.73 15.89
CA PHE C 99 -0.02 -12.36 15.41
C PHE C 99 -0.37 -13.75 14.88
N ASP C 100 0.45 -14.22 13.93
CA ASP C 100 0.21 -15.55 13.36
C ASP C 100 0.41 -16.64 14.40
N SER C 101 1.39 -16.46 15.29
CA SER C 101 1.80 -17.44 16.28
C SER C 101 2.86 -16.73 17.13
N VAL C 102 3.20 -17.34 18.26
CA VAL C 102 4.17 -16.79 19.22
C VAL C 102 5.23 -17.86 19.46
N ILE C 103 6.50 -17.48 19.33
CA ILE C 103 7.62 -18.40 19.60
C ILE C 103 8.36 -17.89 20.83
N SER C 104 8.41 -18.68 21.91
CA SER C 104 8.94 -18.19 23.18
C SER C 104 10.08 -19.07 23.70
N ALA C 105 11.21 -18.42 24.01
CA ALA C 105 12.32 -19.06 24.71
C ALA C 105 12.56 -18.44 26.08
N VAL C 106 11.64 -17.62 26.57
CA VAL C 106 11.77 -17.02 27.91
C VAL C 106 11.63 -18.12 28.96
N PRO C 107 12.58 -18.26 29.89
CA PRO C 107 12.53 -19.42 30.81
C PRO C 107 11.48 -19.30 31.90
N MET C 108 11.19 -18.09 32.40
CA MET C 108 10.06 -17.78 33.29
C MET C 108 10.26 -18.20 34.75
N LEU C 109 11.39 -18.80 35.11
CA LEU C 109 11.46 -19.45 36.42
C LEU C 109 11.51 -18.45 37.57
N ASN C 110 11.81 -17.18 37.31
CA ASN C 110 11.77 -16.13 38.32
C ASN C 110 10.35 -15.62 38.59
N PHE C 111 9.32 -16.17 37.94
CA PHE C 111 7.97 -15.67 38.06
C PHE C 111 7.04 -16.72 38.66
N PRO C 112 6.10 -16.31 39.50
CA PRO C 112 5.14 -17.28 40.06
C PRO C 112 4.31 -17.91 38.96
N MET C 113 3.80 -19.12 39.22
CA MET C 113 3.01 -19.82 38.21
C MET C 113 1.78 -19.01 37.81
N ALA C 114 1.13 -18.34 38.79
CA ALA C 114 -0.04 -17.53 38.45
C ALA C 114 0.29 -16.45 37.42
N ALA C 115 1.51 -15.90 37.46
CA ALA C 115 1.89 -14.92 36.44
C ALA C 115 2.13 -15.57 35.08
N ARG C 116 2.66 -16.80 35.07
CA ARG C 116 2.84 -17.52 33.80
C ARG C 116 1.50 -17.86 33.16
N ILE C 117 0.54 -18.32 33.95
CA ILE C 117 -0.79 -18.61 33.42
C ILE C 117 -1.39 -17.35 32.82
N LYS C 118 -1.30 -16.22 33.53
CA LYS C 118 -1.89 -14.98 33.02
C LYS C 118 -1.21 -14.55 31.73
N LEU C 119 0.12 -14.67 31.64
CA LEU C 119 0.81 -14.26 30.42
C LEU C 119 0.35 -15.11 29.24
N LEU C 120 0.28 -16.43 29.41
CA LEU C 120 -0.13 -17.28 28.32
C LEU C 120 -1.58 -17.02 27.91
N ASP C 121 -2.48 -16.83 28.88
CA ASP C 121 -3.86 -16.47 28.58
C ASP C 121 -3.93 -15.18 27.75
N GLU C 122 -3.11 -14.19 28.09
CA GLU C 122 -3.10 -12.95 27.32
C GLU C 122 -2.48 -13.14 25.94
N LEU C 123 -1.42 -13.96 25.85
CA LEU C 123 -0.80 -14.21 24.55
C LEU C 123 -1.78 -14.88 23.60
N LEU C 124 -2.63 -15.76 24.11
CA LEU C 124 -3.60 -16.45 23.28
C LEU C 124 -4.77 -15.56 22.87
N LYS C 125 -4.93 -14.40 23.49
CA LYS C 125 -5.88 -13.41 22.97
C LYS C 125 -5.32 -12.61 21.80
N ARG C 126 -4.04 -12.74 21.48
CA ARG C 126 -3.40 -11.99 20.41
C ARG C 126 -3.11 -12.84 19.18
N VAL C 127 -3.58 -14.08 19.14
CA VAL C 127 -3.49 -14.92 17.94
C VAL C 127 -4.89 -15.44 17.62
N PRO C 128 -5.18 -15.78 16.36
CA PRO C 128 -6.48 -16.41 16.03
C PRO C 128 -6.67 -17.74 16.76
N HIS C 129 -7.94 -18.08 17.01
CA HIS C 129 -8.29 -19.30 17.74
C HIS C 129 -7.73 -20.54 17.04
N GLY C 130 -6.96 -21.34 17.77
CA GLY C 130 -6.33 -22.52 17.22
C GLY C 130 -4.88 -22.35 16.84
N ARG C 131 -4.37 -21.11 16.78
CA ARG C 131 -2.97 -20.86 16.51
C ARG C 131 -2.16 -21.00 17.80
N PRO C 132 -0.89 -21.40 17.70
CA PRO C 132 -0.15 -21.81 18.89
C PRO C 132 0.78 -20.77 19.49
N VAL C 133 1.07 -20.95 20.77
CA VAL C 133 2.28 -20.45 21.42
C VAL C 133 3.20 -21.65 21.59
N VAL C 134 4.43 -21.57 21.05
CA VAL C 134 5.44 -22.63 21.22
C VAL C 134 6.40 -22.22 22.32
N GLN C 135 6.71 -23.15 23.23
CA GLN C 135 7.61 -22.88 24.34
C GLN C 135 8.63 -24.00 24.46
N ILE C 136 9.89 -23.63 24.77
CA ILE C 136 10.97 -24.58 25.00
C ILE C 136 11.19 -24.75 26.50
N SER C 137 11.54 -25.96 26.90
CA SER C 137 11.92 -26.31 28.27
C SER C 137 12.98 -27.41 28.20
N TYR C 138 13.56 -27.77 29.36
CA TYR C 138 14.69 -28.69 29.36
C TYR C 138 14.48 -29.93 30.23
N GLY C 139 13.25 -30.32 30.46
CA GLY C 139 12.97 -31.46 31.29
C GLY C 139 11.51 -31.80 31.13
N PRO C 140 11.01 -32.74 31.91
CA PRO C 140 9.63 -33.17 31.72
C PRO C 140 8.60 -32.30 32.43
N ILE C 141 8.91 -31.02 32.62
CA ILE C 141 8.02 -30.08 33.32
C ILE C 141 7.72 -28.94 32.36
N SER C 142 6.47 -28.81 31.94
CA SER C 142 6.11 -27.67 31.09
C SER C 142 6.20 -26.38 31.90
N PRO C 143 6.79 -25.32 31.35
CA PRO C 143 7.01 -24.11 32.16
C PRO C 143 5.71 -23.47 32.63
N ILE C 144 4.62 -23.63 31.89
CA ILE C 144 3.29 -23.20 32.34
C ILE C 144 2.44 -24.44 32.57
N VAL C 145 1.82 -24.54 33.74
CA VAL C 145 1.08 -25.74 34.12
C VAL C 145 -0.19 -25.86 33.29
N ALA C 146 -0.66 -27.10 33.11
CA ALA C 146 -1.93 -27.34 32.42
C ALA C 146 -3.09 -26.66 33.12
N GLN C 147 -3.93 -25.99 32.34
CA GLN C 147 -5.18 -25.38 32.82
C GLN C 147 -6.21 -25.62 31.72
N PRO C 148 -6.85 -26.80 31.74
CA PRO C 148 -7.67 -27.21 30.59
C PRO C 148 -8.86 -26.31 30.32
N HIS C 149 -9.29 -25.50 31.29
CA HIS C 149 -10.35 -24.54 31.01
C HIS C 149 -9.87 -23.34 30.21
N LEU C 150 -8.56 -23.12 30.13
CA LEU C 150 -8.02 -22.00 29.36
C LEU C 150 -7.34 -22.42 28.06
N TYR C 151 -6.62 -23.55 28.04
CA TYR C 151 -5.82 -23.92 26.88
C TYR C 151 -5.50 -25.42 26.94
N HIS C 152 -5.01 -25.94 25.82
CA HIS C 152 -4.52 -27.31 25.72
C HIS C 152 -3.01 -27.29 25.55
N ILE C 153 -2.30 -28.14 26.28
CA ILE C 153 -0.86 -28.29 26.12
C ILE C 153 -0.58 -29.57 25.34
N ARG C 154 -0.01 -29.43 24.14
CA ARG C 154 0.44 -30.57 23.37
C ARG C 154 1.94 -30.73 23.49
N HIS C 155 2.41 -31.98 23.49
CA HIS C 155 3.83 -32.24 23.46
C HIS C 155 4.26 -32.16 22.00
N PHE C 156 5.00 -31.08 21.65
CA PHE C 156 5.38 -30.83 20.26
C PHE C 156 6.54 -31.72 19.82
N ASP C 157 7.59 -31.83 20.63
CA ASP C 157 8.72 -32.69 20.27
C ASP C 157 9.66 -32.84 21.46
N PHE C 158 10.54 -33.83 21.37
CA PHE C 158 11.69 -34.00 22.24
C PHE C 158 12.92 -34.09 21.34
N ILE C 159 13.86 -33.18 21.49
CA ILE C 159 14.99 -33.08 20.57
C ILE C 159 16.27 -33.37 21.36
N VAL C 160 16.83 -34.57 21.17
CA VAL C 160 17.99 -34.96 21.96
C VAL C 160 19.26 -34.27 21.47
N ARG C 161 19.29 -33.78 20.23
CA ARG C 161 20.49 -33.13 19.71
C ARG C 161 20.83 -31.84 20.46
N ASN C 162 19.83 -31.21 21.08
CA ASN C 162 20.04 -29.95 21.77
C ASN C 162 20.90 -30.14 23.02
N ILE C 163 21.55 -29.06 23.44
CA ILE C 163 22.42 -29.05 24.61
C ILE C 163 21.87 -28.03 25.62
N PRO C 164 21.18 -28.50 26.68
CA PRO C 164 20.82 -29.88 26.95
C PRO C 164 19.59 -30.28 26.09
N PRO C 165 19.23 -31.57 26.08
CA PRO C 165 18.06 -31.98 25.29
C PRO C 165 16.84 -31.12 25.61
N ALA C 166 16.10 -30.75 24.56
CA ALA C 166 15.02 -29.78 24.66
C ALA C 166 13.66 -30.45 24.52
N GLN C 167 12.72 -30.02 25.37
CA GLN C 167 11.31 -30.40 25.24
C GLN C 167 10.57 -29.22 24.66
N LEU C 168 9.73 -29.47 23.66
CA LEU C 168 8.97 -28.43 22.98
C LEU C 168 7.48 -28.64 23.24
N TRP C 169 6.79 -27.55 23.60
CA TRP C 169 5.37 -27.57 23.96
C TRP C 169 4.60 -26.55 23.13
N THR C 170 3.37 -26.88 22.74
CA THR C 170 2.47 -25.90 22.14
C THR C 170 1.24 -25.69 23.02
N TYR C 171 0.80 -24.43 23.11
CA TYR C 171 -0.38 -24.03 23.85
C TYR C 171 -1.38 -23.42 22.88
N THR C 172 -2.62 -23.92 22.88
CA THR C 172 -3.67 -23.39 22.02
C THR C 172 -4.97 -23.23 22.82
N ARG C 173 -5.76 -22.23 22.43
CA ARG C 173 -6.96 -21.86 23.19
C ARG C 173 -7.94 -23.02 23.26
N ALA C 174 -8.43 -23.29 24.47
CA ALA C 174 -9.44 -24.34 24.66
C ALA C 174 -10.81 -23.76 24.37
N ILE D 10 29.25 5.91 -10.44
CA ILE D 10 30.70 5.71 -10.36
C ILE D 10 31.45 6.77 -11.20
N VAL D 11 30.93 7.03 -12.40
CA VAL D 11 31.57 7.90 -13.39
C VAL D 11 30.94 9.28 -13.31
N PRO D 12 31.69 10.36 -13.53
CA PRO D 12 31.09 11.70 -13.46
C PRO D 12 30.02 11.92 -14.51
N THR D 13 29.03 12.73 -14.14
CA THR D 13 27.97 13.12 -15.06
C THR D 13 28.54 13.80 -16.30
N SER D 14 27.96 13.50 -17.46
CA SER D 14 28.47 14.06 -18.70
C SER D 14 28.13 15.55 -18.83
N SER D 15 28.90 16.23 -19.68
CA SER D 15 28.74 17.67 -19.89
C SER D 15 27.37 18.01 -20.46
N ILE D 16 26.81 17.14 -21.32
CA ILE D 16 25.49 17.39 -21.89
C ILE D 16 24.43 17.44 -20.79
N THR D 17 24.48 16.47 -19.88
CA THR D 17 23.50 16.42 -18.80
C THR D 17 23.68 17.57 -17.83
N ALA D 18 24.93 17.92 -17.51
CA ALA D 18 25.17 19.02 -16.57
C ALA D 18 24.65 20.34 -17.11
N LYS D 19 24.77 20.56 -18.43
CA LYS D 19 24.27 21.79 -19.03
C LYS D 19 22.74 21.85 -18.95
N LYS D 20 22.05 20.75 -19.26
CA LYS D 20 20.60 20.73 -19.13
C LYS D 20 20.16 20.99 -17.69
N MET D 21 20.83 20.38 -16.71
CA MET D 21 20.46 20.63 -15.32
C MET D 21 20.60 22.11 -14.97
N ALA D 22 21.66 22.75 -15.45
CA ALA D 22 21.96 24.13 -15.10
C ALA D 22 21.14 25.13 -15.89
N SER D 23 20.43 24.69 -16.92
CA SER D 23 19.61 25.57 -17.73
C SER D 23 18.36 26.05 -17.01
N VAL D 24 17.99 25.45 -15.89
CA VAL D 24 16.84 25.95 -15.13
C VAL D 24 17.13 27.27 -14.43
N ILE D 25 18.41 27.64 -14.29
CA ILE D 25 18.81 28.77 -13.46
C ILE D 25 18.39 30.08 -14.11
N ASN D 26 17.91 31.03 -13.29
CA ASN D 26 17.71 32.41 -13.75
C ASN D 26 18.86 33.25 -13.22
N PRO D 27 19.90 33.50 -14.01
CA PRO D 27 21.06 34.27 -13.50
C PRO D 27 20.78 35.73 -13.24
N HIS D 28 19.57 36.22 -13.51
CA HIS D 28 19.20 37.61 -13.27
C HIS D 28 18.23 37.78 -12.11
N SER D 29 17.91 36.70 -11.39
CA SER D 29 16.95 36.82 -10.30
C SER D 29 17.52 37.53 -9.07
N GLY D 30 18.83 37.71 -8.98
CA GLY D 30 19.42 38.30 -7.79
C GLY D 30 19.54 37.36 -6.61
N LEU D 31 19.20 36.06 -6.78
CA LEU D 31 19.32 35.08 -5.69
C LEU D 31 20.47 34.11 -5.95
N PRO D 32 21.08 33.56 -4.91
CA PRO D 32 22.13 32.55 -5.11
C PRO D 32 21.53 31.20 -5.50
N VAL D 33 22.42 30.31 -5.93
CA VAL D 33 22.07 28.95 -6.34
C VAL D 33 22.61 27.96 -5.32
N LEU D 34 21.84 26.90 -5.05
CA LEU D 34 22.22 25.84 -4.14
C LEU D 34 22.45 24.55 -4.93
N GLU D 35 23.62 23.94 -4.75
CA GLU D 35 23.97 22.66 -5.37
C GLU D 35 24.23 21.61 -4.29
N LEU D 36 23.72 20.40 -4.51
CA LEU D 36 23.89 19.32 -3.56
C LEU D 36 24.67 18.17 -4.20
N GLY D 37 25.78 17.77 -3.55
CA GLY D 37 26.61 16.67 -4.01
C GLY D 37 27.45 16.97 -5.25
N PRO D 38 28.31 18.00 -5.16
CA PRO D 38 29.07 18.40 -6.37
C PRO D 38 30.13 17.41 -6.82
N GLY D 39 30.62 16.52 -5.95
CA GLY D 39 31.54 15.48 -6.41
C GLY D 39 32.80 16.07 -7.04
N THR D 40 33.05 15.72 -8.30
CA THR D 40 34.19 16.31 -9.01
C THR D 40 33.90 17.71 -9.53
N GLY D 41 32.66 18.18 -9.43
CA GLY D 41 32.35 19.53 -9.83
C GLY D 41 32.02 19.74 -11.30
N VAL D 42 31.59 18.70 -12.02
CA VAL D 42 31.25 18.94 -13.42
C VAL D 42 29.95 19.74 -13.53
N ILE D 43 29.02 19.56 -12.59
CA ILE D 43 27.81 20.37 -12.59
C ILE D 43 28.13 21.77 -12.08
N THR D 44 29.04 21.88 -11.12
CA THR D 44 29.50 23.19 -10.63
C THR D 44 30.00 24.05 -11.79
N LYS D 45 30.86 23.48 -12.63
CA LYS D 45 31.35 24.19 -13.81
C LYS D 45 30.21 24.67 -14.69
N ALA D 46 29.18 23.86 -14.87
CA ALA D 46 28.05 24.25 -15.73
C ALA D 46 27.24 25.37 -15.08
N ILE D 47 27.08 25.32 -13.75
CA ILE D 47 26.41 26.40 -13.05
C ILE D 47 27.16 27.72 -13.25
N LEU D 48 28.49 27.68 -13.07
CA LEU D 48 29.29 28.89 -13.21
C LEU D 48 29.26 29.42 -14.64
N ALA D 49 29.04 28.55 -15.62
CA ALA D 49 28.97 28.99 -17.02
C ALA D 49 27.68 29.74 -17.34
N ARG D 50 26.64 29.64 -16.50
CA ARG D 50 25.45 30.45 -16.66
C ARG D 50 25.70 31.93 -16.36
N GLY D 51 26.84 32.27 -15.76
CA GLY D 51 27.08 33.61 -15.29
C GLY D 51 26.79 33.82 -13.82
N ILE D 52 26.74 32.76 -13.02
CA ILE D 52 26.57 32.87 -11.58
C ILE D 52 27.93 33.16 -10.97
N LYS D 53 28.04 34.23 -10.20
CA LYS D 53 29.32 34.55 -9.61
C LYS D 53 29.66 33.50 -8.55
N PRO D 54 30.96 33.14 -8.40
CA PRO D 54 31.33 32.06 -7.45
C PRO D 54 30.76 32.23 -6.04
N GLU D 55 30.79 33.45 -5.48
CA GLU D 55 30.29 33.69 -4.13
C GLU D 55 28.81 33.35 -3.99
N SER D 56 28.07 33.41 -5.10
CA SER D 56 26.63 33.19 -5.11
C SER D 56 26.25 31.73 -5.36
N LEU D 57 27.22 30.80 -5.27
CA LEU D 57 26.95 29.37 -5.37
C LEU D 57 27.33 28.71 -4.05
N THR D 58 26.34 28.12 -3.39
CA THR D 58 26.56 27.32 -2.19
C THR D 58 26.38 25.85 -2.57
N ALA D 59 27.36 25.02 -2.23
CA ALA D 59 27.37 23.62 -2.68
C ALA D 59 27.71 22.72 -1.50
N ILE D 60 26.79 21.82 -1.16
CA ILE D 60 26.90 20.99 0.03
C ILE D 60 27.44 19.62 -0.37
N GLU D 61 28.59 19.24 0.20
CA GLU D 61 29.29 18.02 -0.18
C GLU D 61 29.63 17.22 1.08
N TYR D 62 29.19 15.95 1.11
CA TYR D 62 29.37 15.13 2.30
C TYR D 62 30.79 14.58 2.42
N SER D 63 31.40 14.22 1.30
CA SER D 63 32.74 13.60 1.34
C SER D 63 33.79 14.66 1.63
N THR D 64 34.57 14.46 2.69
CA THR D 64 35.62 15.41 3.03
C THR D 64 36.71 15.45 1.96
N ASP D 65 36.99 14.30 1.33
CA ASP D 65 38.00 14.25 0.26
C ASP D 65 37.58 15.08 -0.95
N PHE D 66 36.32 14.94 -1.38
CA PHE D 66 35.81 15.77 -2.47
C PHE D 66 35.82 17.24 -2.08
N TYR D 67 35.37 17.54 -0.86
CA TYR D 67 35.33 18.93 -0.40
C TYR D 67 36.70 19.57 -0.47
N ASN D 68 37.74 18.89 0.04
CA ASN D 68 39.09 19.45 0.00
C ASN D 68 39.54 19.74 -1.44
N GLN D 69 39.26 18.83 -2.37
CA GLN D 69 39.69 19.05 -3.74
C GLN D 69 38.89 20.17 -4.42
N LEU D 70 37.59 20.24 -4.16
CA LEU D 70 36.77 21.28 -4.79
C LEU D 70 37.24 22.68 -4.43
N LEU D 71 37.76 22.87 -3.20
CA LEU D 71 38.23 24.19 -2.77
C LEU D 71 39.42 24.65 -3.60
N ARG D 72 40.29 23.72 -4.00
CA ARG D 72 41.38 24.07 -4.90
C ARG D 72 40.90 24.23 -6.33
N SER D 73 39.88 23.46 -6.72
CA SER D 73 39.46 23.41 -8.12
C SER D 73 38.59 24.59 -8.50
N TYR D 74 37.71 25.05 -7.59
CA TYR D 74 36.77 26.13 -7.86
C TYR D 74 36.86 27.18 -6.76
N PRO D 75 37.90 28.00 -6.78
CA PRO D 75 38.07 29.02 -5.72
C PRO D 75 36.95 30.04 -5.75
N GLY D 76 36.48 30.41 -4.56
CA GLY D 76 35.44 31.39 -4.42
C GLY D 76 34.04 30.80 -4.25
N VAL D 77 33.83 29.58 -4.73
CA VAL D 77 32.54 28.92 -4.50
C VAL D 77 32.39 28.66 -3.01
N ASN D 78 31.15 28.79 -2.52
CA ASN D 78 30.85 28.61 -1.10
C ASN D 78 30.56 27.14 -0.81
N PHE D 79 31.63 26.33 -0.78
CA PHE D 79 31.44 24.92 -0.50
C PHE D 79 31.17 24.72 0.99
N VAL D 80 30.40 23.68 1.29
CA VAL D 80 30.08 23.29 2.67
C VAL D 80 30.27 21.79 2.80
N ASN D 81 31.08 21.36 3.76
CA ASN D 81 31.27 19.94 4.06
C ASN D 81 30.22 19.53 5.08
N GLY D 82 29.26 18.70 4.67
CA GLY D 82 28.19 18.30 5.54
C GLY D 82 27.16 17.44 4.83
N ASP D 83 26.13 17.08 5.59
CA ASP D 83 25.06 16.20 5.15
C ASP D 83 23.88 17.06 4.66
N ALA D 84 23.55 16.93 3.36
CA ALA D 84 22.44 17.70 2.79
C ALA D 84 21.10 17.38 3.44
N PHE D 85 20.94 16.20 4.07
CA PHE D 85 19.67 15.91 4.71
C PHE D 85 19.47 16.69 6.01
N ASP D 86 20.51 17.36 6.51
CA ASP D 86 20.47 18.14 7.74
C ASP D 86 20.70 19.62 7.37
N LEU D 87 19.67 20.24 6.79
CA LEU D 87 19.84 21.59 6.24
C LEU D 87 20.10 22.62 7.34
N ASP D 88 19.59 22.40 8.55
CA ASP D 88 19.83 23.36 9.61
C ASP D 88 21.28 23.32 10.08
N ALA D 89 21.93 22.14 10.02
CA ALA D 89 23.36 22.09 10.34
C ALA D 89 24.21 22.69 9.23
N THR D 90 23.78 22.59 7.97
CA THR D 90 24.63 22.99 6.86
C THR D 90 24.33 24.38 6.32
N LEU D 91 23.07 24.81 6.37
CA LEU D 91 22.69 26.15 5.94
C LEU D 91 22.35 27.07 7.10
N GLY D 92 22.12 26.53 8.28
CA GLY D 92 21.53 27.30 9.36
C GLY D 92 20.01 27.22 9.35
N GLU D 93 19.42 27.59 10.47
CA GLU D 93 17.97 27.67 10.56
C GLU D 93 17.45 28.66 9.52
N HIS D 94 16.28 28.36 8.96
CA HIS D 94 15.71 29.17 7.89
C HIS D 94 15.30 30.54 8.45
N LYS D 95 16.20 31.51 8.32
CA LYS D 95 15.87 32.89 8.63
C LYS D 95 15.29 33.63 7.43
N GLY D 96 15.35 33.05 6.23
CA GLY D 96 14.71 33.64 5.08
C GLY D 96 15.59 33.89 3.87
N GLN D 97 16.81 33.35 3.84
CA GLN D 97 17.60 33.44 2.62
C GLN D 97 17.02 32.48 1.58
N MET D 98 16.57 33.01 0.47
CA MET D 98 16.03 32.22 -0.61
C MET D 98 17.11 31.93 -1.64
N PHE D 99 16.96 30.80 -2.34
CA PHE D 99 17.81 30.43 -3.45
C PHE D 99 16.99 30.48 -4.74
N ASP D 100 17.68 30.77 -5.86
CA ASP D 100 17.02 30.83 -7.15
C ASP D 100 16.47 29.47 -7.57
N SER D 101 17.17 28.40 -7.19
CA SER D 101 16.87 27.02 -7.60
C SER D 101 17.87 26.13 -6.88
N VAL D 102 17.58 24.82 -6.87
CA VAL D 102 18.44 23.81 -6.27
C VAL D 102 18.77 22.78 -7.35
N ILE D 103 20.04 22.45 -7.51
CA ILE D 103 20.53 21.46 -8.47
C ILE D 103 21.10 20.30 -7.65
N SER D 104 20.49 19.11 -7.73
CA SER D 104 20.83 18.04 -6.80
C SER D 104 21.25 16.78 -7.55
N ALA D 105 22.42 16.25 -7.19
CA ALA D 105 22.83 14.91 -7.62
C ALA D 105 23.07 14.00 -6.42
N VAL D 106 22.44 14.30 -5.29
CA VAL D 106 22.56 13.42 -4.11
C VAL D 106 21.97 12.07 -4.44
N PRO D 107 22.67 10.96 -4.14
CA PRO D 107 22.13 9.62 -4.41
C PRO D 107 21.03 9.27 -3.42
N MET D 108 19.77 9.48 -3.85
CA MET D 108 18.65 9.48 -2.92
C MET D 108 18.32 8.08 -2.41
N LEU D 109 18.49 7.05 -3.25
CA LEU D 109 18.08 5.70 -2.91
C LEU D 109 18.89 5.11 -1.77
N ASN D 110 19.90 5.81 -1.26
CA ASN D 110 20.59 5.39 -0.05
C ASN D 110 19.85 5.77 1.23
N PHE D 111 18.70 6.45 1.12
CA PHE D 111 18.01 7.02 2.27
C PHE D 111 16.54 6.61 2.25
N PRO D 112 15.93 6.48 3.42
CA PRO D 112 14.51 6.08 3.47
C PRO D 112 13.60 7.12 2.83
N MET D 113 12.47 6.65 2.28
CA MET D 113 11.60 7.54 1.50
C MET D 113 11.08 8.70 2.33
N ALA D 114 10.75 8.46 3.60
CA ALA D 114 10.24 9.54 4.44
C ALA D 114 11.27 10.67 4.56
N ALA D 115 12.54 10.31 4.68
CA ALA D 115 13.61 11.31 4.73
C ALA D 115 13.70 12.07 3.42
N ARG D 116 13.53 11.38 2.28
CA ARG D 116 13.56 12.07 0.99
C ARG D 116 12.43 13.07 0.87
N ILE D 117 11.22 12.67 1.27
CA ILE D 117 10.06 13.56 1.17
C ILE D 117 10.25 14.78 2.06
N LYS D 118 10.82 14.58 3.25
CA LYS D 118 11.02 15.70 4.18
C LYS D 118 12.08 16.66 3.65
N LEU D 119 13.18 16.14 3.11
CA LEU D 119 14.21 17.01 2.56
C LEU D 119 13.67 17.86 1.41
N LEU D 120 12.84 17.26 0.55
CA LEU D 120 12.31 18.01 -0.59
C LEU D 120 11.30 19.06 -0.16
N ASP D 121 10.41 18.71 0.77
CA ASP D 121 9.51 19.73 1.34
C ASP D 121 10.28 20.88 1.96
N GLU D 122 11.40 20.59 2.65
CA GLU D 122 12.18 21.64 3.28
C GLU D 122 12.94 22.48 2.25
N LEU D 123 13.54 21.83 1.24
CA LEU D 123 14.20 22.56 0.18
C LEU D 123 13.27 23.54 -0.51
N LEU D 124 12.02 23.13 -0.73
CA LEU D 124 11.06 23.97 -1.45
C LEU D 124 10.62 25.17 -0.61
N LYS D 125 10.86 25.13 0.70
CA LYS D 125 10.61 26.30 1.50
C LYS D 125 11.68 27.37 1.28
N ARG D 126 12.78 27.04 0.60
CA ARG D 126 13.91 27.94 0.44
C ARG D 126 14.09 28.43 -0.99
N VAL D 127 13.13 28.19 -1.88
CA VAL D 127 13.13 28.78 -3.22
C VAL D 127 11.80 29.49 -3.42
N PRO D 128 11.72 30.51 -4.28
CA PRO D 128 10.45 31.20 -4.49
C PRO D 128 9.39 30.26 -5.02
N HIS D 129 8.13 30.55 -4.68
CA HIS D 129 7.01 29.75 -5.14
C HIS D 129 7.07 29.61 -6.65
N GLY D 130 7.08 28.37 -7.12
CA GLY D 130 7.13 28.05 -8.54
C GLY D 130 8.51 27.78 -9.09
N ARG D 131 9.56 27.88 -8.28
CA ARG D 131 10.90 27.58 -8.76
C ARG D 131 11.28 26.15 -8.40
N PRO D 132 12.23 25.55 -9.13
CA PRO D 132 12.42 24.09 -9.03
C PRO D 132 13.59 23.60 -8.20
N VAL D 133 13.48 22.36 -7.70
CA VAL D 133 14.61 21.49 -7.39
C VAL D 133 14.78 20.52 -8.55
N VAL D 134 15.97 20.47 -9.14
CA VAL D 134 16.29 19.55 -10.23
C VAL D 134 17.05 18.36 -9.65
N GLN D 135 16.65 17.15 -10.02
CA GLN D 135 17.26 15.94 -9.48
C GLN D 135 17.56 14.95 -10.60
N ILE D 136 18.76 14.38 -10.58
CA ILE D 136 19.15 13.37 -11.57
C ILE D 136 18.93 12.00 -10.98
N SER D 137 18.42 11.06 -11.80
CA SER D 137 18.27 9.67 -11.37
C SER D 137 18.48 8.77 -12.60
N TYR D 138 18.39 7.47 -12.36
CA TYR D 138 18.68 6.47 -13.38
C TYR D 138 17.54 5.47 -13.41
N GLY D 139 16.91 5.29 -14.57
CA GLY D 139 15.79 4.39 -14.68
C GLY D 139 14.46 5.11 -14.56
N PRO D 140 13.36 4.40 -14.77
CA PRO D 140 12.04 5.04 -14.84
C PRO D 140 11.34 5.26 -13.49
N ILE D 141 12.04 5.18 -12.36
CA ILE D 141 11.42 5.34 -11.05
C ILE D 141 11.86 6.68 -10.47
N SER D 142 10.89 7.52 -10.14
CA SER D 142 11.17 8.81 -9.53
C SER D 142 11.93 8.61 -8.21
N PRO D 143 13.03 9.33 -7.98
CA PRO D 143 13.79 9.09 -6.75
C PRO D 143 13.05 9.51 -5.49
N ILE D 144 12.14 10.48 -5.59
CA ILE D 144 11.22 10.79 -4.52
C ILE D 144 9.80 10.55 -5.01
N VAL D 145 8.97 9.95 -4.15
CA VAL D 145 7.61 9.55 -4.53
C VAL D 145 6.70 10.77 -4.63
N ALA D 146 5.66 10.65 -5.47
CA ALA D 146 4.69 11.71 -5.64
C ALA D 146 3.92 11.99 -4.36
N GLN D 147 3.75 13.28 -4.07
CA GLN D 147 2.94 13.75 -2.94
C GLN D 147 2.26 15.02 -3.42
N PRO D 148 1.14 14.90 -4.14
CA PRO D 148 0.57 16.06 -4.86
C PRO D 148 0.14 17.21 -3.96
N HIS D 149 -0.03 16.98 -2.65
CA HIS D 149 -0.38 18.07 -1.75
C HIS D 149 0.84 18.88 -1.34
N LEU D 150 2.04 18.41 -1.66
CA LEU D 150 3.28 19.09 -1.33
C LEU D 150 3.97 19.66 -2.55
N TYR D 151 4.08 18.90 -3.64
CA TYR D 151 4.83 19.33 -4.81
C TYR D 151 4.34 18.55 -6.03
N HIS D 152 4.71 19.04 -7.20
CA HIS D 152 4.45 18.38 -8.48
C HIS D 152 5.77 17.93 -9.11
N ILE D 153 5.79 16.70 -9.62
CA ILE D 153 6.97 16.13 -10.25
C ILE D 153 6.84 16.26 -11.76
N ARG D 154 7.72 17.02 -12.39
CA ARG D 154 7.74 17.09 -13.85
C ARG D 154 8.89 16.27 -14.41
N HIS D 155 8.65 15.61 -15.55
CA HIS D 155 9.72 14.94 -16.30
C HIS D 155 10.46 15.97 -17.15
N PHE D 156 11.74 16.16 -16.86
CA PHE D 156 12.48 17.26 -17.47
C PHE D 156 13.26 16.81 -18.71
N ASP D 157 13.88 15.63 -18.68
CA ASP D 157 14.63 15.16 -19.83
C ASP D 157 15.02 13.69 -19.62
N PHE D 158 15.28 13.01 -20.73
CA PHE D 158 15.86 11.67 -20.77
C PHE D 158 17.08 11.77 -21.69
N ILE D 159 18.28 11.57 -21.13
CA ILE D 159 19.53 11.80 -21.86
C ILE D 159 20.28 10.48 -21.97
N VAL D 160 20.27 9.87 -23.16
CA VAL D 160 20.85 8.52 -23.29
C VAL D 160 22.36 8.53 -23.47
N ARG D 161 22.97 9.66 -23.82
CA ARG D 161 24.43 9.68 -23.96
C ARG D 161 25.14 9.66 -22.60
N ASN D 162 24.45 10.00 -21.51
CA ASN D 162 25.04 9.92 -20.19
C ASN D 162 25.40 8.48 -19.83
N ILE D 163 26.44 8.33 -19.02
CA ILE D 163 26.87 7.01 -18.54
C ILE D 163 26.60 6.91 -17.05
N PRO D 164 25.57 6.19 -16.61
CA PRO D 164 24.57 5.51 -17.44
C PRO D 164 23.45 6.50 -17.87
N PRO D 165 22.55 6.09 -18.77
CA PRO D 165 21.50 7.00 -19.23
C PRO D 165 20.73 7.63 -18.06
N ALA D 166 20.49 8.94 -18.16
CA ALA D 166 20.02 9.74 -17.05
C ALA D 166 18.61 10.26 -17.28
N GLN D 167 17.78 10.20 -16.25
CA GLN D 167 16.48 10.87 -16.22
C GLN D 167 16.57 12.08 -15.30
N LEU D 168 16.04 13.21 -15.75
CA LEU D 168 16.04 14.46 -14.99
C LEU D 168 14.61 14.80 -14.59
N TRP D 169 14.42 15.15 -13.32
CA TRP D 169 13.12 15.49 -12.76
C TRP D 169 13.20 16.87 -12.10
N THR D 170 12.13 17.65 -12.20
CA THR D 170 11.98 18.85 -11.38
C THR D 170 10.83 18.69 -10.39
N TYR D 171 11.00 19.31 -9.22
CA TYR D 171 9.99 19.33 -8.18
C TYR D 171 9.67 20.78 -7.86
N THR D 172 8.40 21.16 -7.91
CA THR D 172 7.97 22.53 -7.60
C THR D 172 6.82 22.49 -6.62
N ARG D 173 6.73 23.52 -5.79
CA ARG D 173 5.68 23.60 -4.77
C ARG D 173 4.31 23.52 -5.42
N ALA D 174 3.43 22.72 -4.81
CA ALA D 174 2.09 22.52 -5.37
C ALA D 174 1.20 23.75 -5.11
#